data_403D
# 
_entry.id   403D 
# 
_audit_conform.dict_name       mmcif_pdbx.dic 
_audit_conform.dict_version    5.387 
_audit_conform.dict_location   http://mmcif.pdb.org/dictionaries/ascii/mmcif_pdbx.dic 
# 
loop_
_database_2.database_id 
_database_2.database_code 
_database_2.pdbx_database_accession 
_database_2.pdbx_DOI 
PDB   403D         pdb_0000403d 10.2210/pdb403d/pdb 
RCSB  BDD001       ?            ?                   
WWPDB D_1000179204 ?            ?                   
# 
loop_
_pdbx_audit_revision_history.ordinal 
_pdbx_audit_revision_history.data_content_type 
_pdbx_audit_revision_history.major_revision 
_pdbx_audit_revision_history.minor_revision 
_pdbx_audit_revision_history.revision_date 
1 'Structure model' 1 0 1998-07-06 
2 'Structure model' 1 1 2008-05-22 
3 'Structure model' 1 2 2011-07-13 
4 'Structure model' 1 3 2024-02-28 
# 
_pdbx_audit_revision_details.ordinal             1 
_pdbx_audit_revision_details.revision_ordinal    1 
_pdbx_audit_revision_details.data_content_type   'Structure model' 
_pdbx_audit_revision_details.provider            repository 
_pdbx_audit_revision_details.type                'Initial release' 
_pdbx_audit_revision_details.description         ? 
_pdbx_audit_revision_details.details             ? 
# 
loop_
_pdbx_audit_revision_group.ordinal 
_pdbx_audit_revision_group.revision_ordinal 
_pdbx_audit_revision_group.data_content_type 
_pdbx_audit_revision_group.group 
1 2 'Structure model' 'Version format compliance' 
2 3 'Structure model' 'Version format compliance' 
3 4 'Structure model' 'Data collection'           
4 4 'Structure model' 'Database references'       
5 4 'Structure model' 'Derived calculations'      
6 4 'Structure model' 'Refinement description'    
# 
loop_
_pdbx_audit_revision_category.ordinal 
_pdbx_audit_revision_category.revision_ordinal 
_pdbx_audit_revision_category.data_content_type 
_pdbx_audit_revision_category.category 
1 4 'Structure model' chem_comp_atom         
2 4 'Structure model' chem_comp_bond         
3 4 'Structure model' database_2             
4 4 'Structure model' pdbx_struct_conn_angle 
5 4 'Structure model' software               
6 4 'Structure model' struct_conn            
7 4 'Structure model' struct_conn_type       
8 4 'Structure model' struct_site            
# 
loop_
_pdbx_audit_revision_item.ordinal 
_pdbx_audit_revision_item.revision_ordinal 
_pdbx_audit_revision_item.data_content_type 
_pdbx_audit_revision_item.item 
1  4 'Structure model' '_database_2.pdbx_DOI'                        
2  4 'Structure model' '_database_2.pdbx_database_accession'         
3  4 'Structure model' '_pdbx_struct_conn_angle.ptnr1_auth_asym_id'  
4  4 'Structure model' '_pdbx_struct_conn_angle.ptnr1_auth_seq_id'   
5  4 'Structure model' '_pdbx_struct_conn_angle.ptnr1_label_asym_id' 
6  4 'Structure model' '_pdbx_struct_conn_angle.ptnr3_auth_asym_id'  
7  4 'Structure model' '_pdbx_struct_conn_angle.ptnr3_auth_seq_id'   
8  4 'Structure model' '_pdbx_struct_conn_angle.ptnr3_label_asym_id' 
9  4 'Structure model' '_pdbx_struct_conn_angle.value'               
10 4 'Structure model' '_software.name'                              
11 4 'Structure model' '_struct_conn.conn_type_id'                   
12 4 'Structure model' '_struct_conn.id'                             
13 4 'Structure model' '_struct_conn.pdbx_dist_value'                
14 4 'Structure model' '_struct_conn.pdbx_leaving_atom_flag'         
15 4 'Structure model' '_struct_conn.ptnr1_auth_asym_id'             
16 4 'Structure model' '_struct_conn.ptnr1_auth_comp_id'             
17 4 'Structure model' '_struct_conn.ptnr1_auth_seq_id'              
18 4 'Structure model' '_struct_conn.ptnr1_label_asym_id'            
19 4 'Structure model' '_struct_conn.ptnr1_label_atom_id'            
20 4 'Structure model' '_struct_conn.ptnr1_label_comp_id'            
21 4 'Structure model' '_struct_conn.ptnr1_label_seq_id'             
22 4 'Structure model' '_struct_conn.ptnr2_auth_asym_id'             
23 4 'Structure model' '_struct_conn.ptnr2_auth_comp_id'             
24 4 'Structure model' '_struct_conn.ptnr2_auth_seq_id'              
25 4 'Structure model' '_struct_conn.ptnr2_label_asym_id'            
26 4 'Structure model' '_struct_conn.ptnr2_label_atom_id'            
27 4 'Structure model' '_struct_conn.ptnr2_label_comp_id'            
28 4 'Structure model' '_struct_conn.ptnr2_label_seq_id'             
29 4 'Structure model' '_struct_conn_type.id'                        
30 4 'Structure model' '_struct_site.pdbx_auth_asym_id'              
31 4 'Structure model' '_struct_site.pdbx_auth_comp_id'              
32 4 'Structure model' '_struct_site.pdbx_auth_seq_id'               
# 
_pdbx_database_status.status_code                     REL 
_pdbx_database_status.entry_id                        403D 
_pdbx_database_status.recvd_initial_deposition_date   1998-06-10 
_pdbx_database_status.deposit_site                    NDB 
_pdbx_database_status.process_site                    NDB 
_pdbx_database_status.status_code_sf                  REL 
_pdbx_database_status.status_code_mr                  ? 
_pdbx_database_status.SG_entry                        ? 
_pdbx_database_status.status_code_cs                  ? 
_pdbx_database_status.pdb_format_compatible           Y 
_pdbx_database_status.status_code_nmr_data            ? 
_pdbx_database_status.methods_development_category    ? 
# 
loop_
_audit_author.name 
_audit_author.pdbx_ordinal 
'Robinson, H.'  1 
'Gao, Y.-G.'    2 
'Bauer, C.'     3 
'Roberts, C.'   4 
'Switzer, C.'   5 
'Wang, A.H.-J.' 6 
# 
_citation.id                        primary 
_citation.title                     
;2'-Deoxyisoguanosine adopts more than one tautomer to form base pairs with thymidine observed by high-resolution crystal structure analysis.
;
_citation.journal_abbrev            Biochemistry 
_citation.journal_volume            37 
_citation.page_first                10897 
_citation.page_last                 10905 
_citation.year                      1998 
_citation.journal_id_ASTM           BICHAW 
_citation.country                   US 
_citation.journal_id_ISSN           0006-2960 
_citation.journal_id_CSD            0033 
_citation.book_publisher            ? 
_citation.pdbx_database_id_PubMed   9692982 
_citation.pdbx_database_id_DOI      10.1021/bi980818l 
# 
loop_
_citation_author.citation_id 
_citation_author.name 
_citation_author.ordinal 
_citation_author.identifier_ORCID 
primary 'Robinson, H.' 1 ? 
primary 'Gao, Y.G.'    2 ? 
primary 'Bauer, C.'    3 ? 
primary 'Roberts, C.'  4 ? 
primary 'Switzer, C.'  5 ? 
primary 'Wang, A.H.'   6 ? 
# 
loop_
_entity.id 
_entity.type 
_entity.src_method 
_entity.pdbx_description 
_entity.formula_weight 
_entity.pdbx_number_of_molecules 
_entity.pdbx_ec 
_entity.pdbx_mutation 
_entity.pdbx_fragment 
_entity.details 
1 polymer     syn 
;DNA (5'-D(*CP*GP*CP*(IGU)P*AP*AP*TP*TP*TP*GP*CP*G)-3')
;
3678.403 2   ? ? ? ? 
2 non-polymer syn "2'-(4-ETHOXYPHENYL)-5-(4-METHYL-1-PIPERAZINYL)-2,5'-BI-BENZIMIDAZOLE" 452.551  1   ? ? ? ? 
3 non-polymer syn 'MAGNESIUM ION'                                                        24.305   1   ? ? ? ? 
4 water       nat water                                                                  18.015   128 ? ? ? ? 
# 
_entity_keywords.entity_id   2 
_entity_keywords.text        'HOECHST 33342' 
# 
_entity_poly.entity_id                      1 
_entity_poly.type                           polydeoxyribonucleotide 
_entity_poly.nstd_linkage                   no 
_entity_poly.nstd_monomer                   yes 
_entity_poly.pdbx_seq_one_letter_code       '(DC)(DG)(DC)(IGU)(DA)(DA)(DT)(DT)(DT)(DG)(DC)(DG)' 
_entity_poly.pdbx_seq_one_letter_code_can   CGCGAATTTGCG 
_entity_poly.pdbx_strand_id                 A,B 
_entity_poly.pdbx_target_identifier         ? 
# 
loop_
_pdbx_entity_nonpoly.entity_id 
_pdbx_entity_nonpoly.name 
_pdbx_entity_nonpoly.comp_id 
2 "2'-(4-ETHOXYPHENYL)-5-(4-METHYL-1-PIPERAZINYL)-2,5'-BI-BENZIMIDAZOLE" HT1 
3 'MAGNESIUM ION'                                                        MG  
4 water                                                                  HOH 
# 
loop_
_entity_poly_seq.entity_id 
_entity_poly_seq.num 
_entity_poly_seq.mon_id 
_entity_poly_seq.hetero 
1 1  DC  n 
1 2  DG  n 
1 3  DC  n 
1 4  IGU n 
1 5  DA  n 
1 6  DA  n 
1 7  DT  n 
1 8  DT  n 
1 9  DT  n 
1 10 DG  n 
1 11 DC  n 
1 12 DG  n 
# 
loop_
_chem_comp.id 
_chem_comp.type 
_chem_comp.mon_nstd_flag 
_chem_comp.name 
_chem_comp.pdbx_synonyms 
_chem_comp.formula 
_chem_comp.formula_weight 
DA  'DNA linking' y "2'-DEOXYADENOSINE-5'-MONOPHOSPHATE"                                   ?               'C10 H14 N5 O6 P' 
331.222 
DC  'DNA linking' y "2'-DEOXYCYTIDINE-5'-MONOPHOSPHATE"                                    ?               'C9 H14 N3 O7 P'  
307.197 
DG  'DNA linking' y "2'-DEOXYGUANOSINE-5'-MONOPHOSPHATE"                                   ?               'C10 H14 N5 O7 P' 
347.221 
DT  'DNA linking' y "THYMIDINE-5'-MONOPHOSPHATE"                                           ?               'C10 H15 N2 O8 P' 
322.208 
HOH non-polymer   . WATER                                                                  ?               'H2 O'            
18.015  
HT1 non-polymer   . "2'-(4-ETHOXYPHENYL)-5-(4-METHYL-1-PIPERAZINYL)-2,5'-BI-BENZIMIDAZOLE" 'HOECHST 33342' 'C27 H28 N6 O'    
452.551 
IGU 'DNA linking' n "2'-DEOXYISOGUANINE-5'-MONOPHOSPHATE"                                  ?               'C10 H14 N5 O7 P' 
347.221 
MG  non-polymer   . 'MAGNESIUM ION'                                                        ?               'Mg 2'            
24.305  
# 
loop_
_pdbx_poly_seq_scheme.asym_id 
_pdbx_poly_seq_scheme.entity_id 
_pdbx_poly_seq_scheme.seq_id 
_pdbx_poly_seq_scheme.mon_id 
_pdbx_poly_seq_scheme.ndb_seq_num 
_pdbx_poly_seq_scheme.pdb_seq_num 
_pdbx_poly_seq_scheme.auth_seq_num 
_pdbx_poly_seq_scheme.pdb_mon_id 
_pdbx_poly_seq_scheme.auth_mon_id 
_pdbx_poly_seq_scheme.pdb_strand_id 
_pdbx_poly_seq_scheme.pdb_ins_code 
_pdbx_poly_seq_scheme.hetero 
A 1 1  DC  1  1  1  DC  C  A . n 
A 1 2  DG  2  2  2  DG  G  A . n 
A 1 3  DC  3  3  3  DC  C  A . n 
A 1 4  IGU 4  4  4  IGU +A A . n 
A 1 5  DA  5  5  5  DA  A  A . n 
A 1 6  DA  6  6  6  DA  A  A . n 
A 1 7  DT  7  7  7  DT  T  A . n 
A 1 8  DT  8  8  8  DT  T  A . n 
A 1 9  DT  9  9  9  DT  T  A . n 
A 1 10 DG  10 10 10 DG  G  A . n 
A 1 11 DC  11 11 11 DC  C  A . n 
A 1 12 DG  12 12 12 DG  G  A . n 
B 1 1  DC  1  13 13 DC  C  B . n 
B 1 2  DG  2  14 14 DG  G  B . n 
B 1 3  DC  3  15 15 DC  C  B . n 
B 1 4  IGU 4  16 16 IGU +A B . n 
B 1 5  DA  5  17 17 DA  A  B . n 
B 1 6  DA  6  18 18 DA  A  B . n 
B 1 7  DT  7  19 19 DT  T  B . n 
B 1 8  DT  8  20 20 DT  T  B . n 
B 1 9  DT  9  21 21 DT  T  B . n 
B 1 10 DG  10 22 22 DG  G  B . n 
B 1 11 DC  11 23 23 DC  C  B . n 
B 1 12 DG  12 24 24 DG  G  B . n 
# 
loop_
_pdbx_nonpoly_scheme.asym_id 
_pdbx_nonpoly_scheme.entity_id 
_pdbx_nonpoly_scheme.mon_id 
_pdbx_nonpoly_scheme.ndb_seq_num 
_pdbx_nonpoly_scheme.pdb_seq_num 
_pdbx_nonpoly_scheme.auth_seq_num 
_pdbx_nonpoly_scheme.pdb_mon_id 
_pdbx_nonpoly_scheme.auth_mon_id 
_pdbx_nonpoly_scheme.pdb_strand_id 
_pdbx_nonpoly_scheme.pdb_ins_code 
C 2 HT1 1  25   25   HT1 HT1 A . 
D 3 MG  1  26   26   MG  MO6 A . 
E 4 HOH 1  1001 1001 HOH HOH A . 
E 4 HOH 2  1003 1003 HOH HOH A . 
E 4 HOH 3  1005 1005 HOH HOH A . 
E 4 HOH 4  1006 1006 HOH HOH A . 
E 4 HOH 5  1007 1007 HOH HOH A . 
E 4 HOH 6  1010 1010 HOH HOH A . 
E 4 HOH 7  1011 1011 HOH HOH A . 
E 4 HOH 8  1014 1014 HOH HOH A . 
E 4 HOH 9  1015 1015 HOH HOH A . 
E 4 HOH 10 1016 1016 HOH HOH A . 
E 4 HOH 11 1017 1017 HOH HOH A . 
E 4 HOH 12 1018 1018 HOH HOH A . 
E 4 HOH 13 1021 1021 HOH HOH A . 
E 4 HOH 14 1022 1022 HOH HOH A . 
E 4 HOH 15 1026 1026 HOH HOH A . 
E 4 HOH 16 1028 1028 HOH HOH A . 
E 4 HOH 17 1030 1030 HOH HOH A . 
E 4 HOH 18 1031 1031 HOH HOH A . 
E 4 HOH 19 1033 1033 HOH HOH A . 
E 4 HOH 20 1035 1035 HOH HOH A . 
E 4 HOH 21 1038 1038 HOH HOH A . 
E 4 HOH 22 1040 1040 HOH HOH A . 
E 4 HOH 23 1042 1042 HOH HOH A . 
E 4 HOH 24 1043 1043 HOH HOH A . 
E 4 HOH 25 1044 1044 HOH HOH A . 
E 4 HOH 26 1046 1046 HOH HOH A . 
E 4 HOH 27 1048 1048 HOH HOH A . 
E 4 HOH 28 1050 1050 HOH HOH A . 
E 4 HOH 29 1051 1051 HOH HOH A . 
E 4 HOH 30 1052 1052 HOH HOH A . 
E 4 HOH 31 1053 1053 HOH HOH A . 
E 4 HOH 32 1054 1054 HOH HOH A . 
E 4 HOH 33 1056 1056 HOH HOH A . 
E 4 HOH 34 1057 1057 HOH HOH A . 
E 4 HOH 35 1059 1059 HOH HOH A . 
E 4 HOH 36 1063 1063 HOH HOH A . 
E 4 HOH 37 1064 1064 HOH HOH A . 
E 4 HOH 38 1065 1065 HOH HOH A . 
E 4 HOH 39 1068 1068 HOH HOH A . 
E 4 HOH 40 1069 1069 HOH HOH A . 
E 4 HOH 41 1072 1072 HOH HOH A . 
E 4 HOH 42 1076 1076 HOH HOH A . 
E 4 HOH 43 1077 1077 HOH HOH A . 
E 4 HOH 44 1078 1078 HOH HOH A . 
E 4 HOH 45 1079 1079 HOH HOH A . 
E 4 HOH 46 1084 1084 HOH HOH A . 
E 4 HOH 47 1091 1091 HOH HOH A . 
E 4 HOH 48 1093 1093 HOH HOH A . 
E 4 HOH 49 1102 1102 HOH HOH A . 
E 4 HOH 50 1107 1107 HOH HOH A . 
E 4 HOH 51 1110 1110 HOH HOH A . 
E 4 HOH 52 1112 1112 HOH HOH A . 
E 4 HOH 53 1113 1113 HOH HOH A . 
E 4 HOH 54 1114 1114 HOH HOH A . 
E 4 HOH 55 1115 1115 HOH HOH A . 
E 4 HOH 56 1116 1116 HOH HOH A . 
E 4 HOH 57 1118 1118 HOH HOH A . 
E 4 HOH 58 1119 1119 HOH HOH A . 
E 4 HOH 59 1122 1122 HOH HOH A . 
E 4 HOH 60 1125 1125 HOH HOH A . 
E 4 HOH 61 1131 1131 HOH HOH A . 
E 4 HOH 62 1139 26   HOH MO6 A . 
E 4 HOH 63 1140 26   HOH MO6 A . 
E 4 HOH 64 1141 26   HOH MO6 A . 
F 4 HOH 1  1002 1002 HOH HOH B . 
F 4 HOH 2  1004 1004 HOH HOH B . 
F 4 HOH 3  1008 1008 HOH HOH B . 
F 4 HOH 4  1009 1009 HOH HOH B . 
F 4 HOH 5  1012 1012 HOH HOH B . 
F 4 HOH 6  1013 1013 HOH HOH B . 
F 4 HOH 7  1019 1019 HOH HOH B . 
F 4 HOH 8  1020 1020 HOH HOH B . 
F 4 HOH 9  1023 1023 HOH HOH B . 
F 4 HOH 10 1024 1024 HOH HOH B . 
F 4 HOH 11 1025 1025 HOH HOH B . 
F 4 HOH 12 1027 1027 HOH HOH B . 
F 4 HOH 13 1029 1029 HOH HOH B . 
F 4 HOH 14 1032 1032 HOH HOH B . 
F 4 HOH 15 1034 1034 HOH HOH B . 
F 4 HOH 16 1036 1036 HOH HOH B . 
F 4 HOH 17 1037 1037 HOH HOH B . 
F 4 HOH 18 1039 1039 HOH HOH B . 
F 4 HOH 19 1041 1041 HOH HOH B . 
F 4 HOH 20 1045 1045 HOH HOH B . 
F 4 HOH 21 1047 1047 HOH HOH B . 
F 4 HOH 22 1049 1049 HOH HOH B . 
F 4 HOH 23 1055 1055 HOH HOH B . 
F 4 HOH 24 1058 1058 HOH HOH B . 
F 4 HOH 25 1060 1060 HOH HOH B . 
F 4 HOH 26 1061 1061 HOH HOH B . 
F 4 HOH 27 1062 1062 HOH HOH B . 
F 4 HOH 28 1067 1067 HOH HOH B . 
F 4 HOH 29 1070 1070 HOH HOH B . 
F 4 HOH 30 1073 1073 HOH HOH B . 
F 4 HOH 31 1074 1074 HOH HOH B . 
F 4 HOH 32 1075 1075 HOH HOH B . 
F 4 HOH 33 1080 1080 HOH HOH B . 
F 4 HOH 34 1082 1082 HOH HOH B . 
F 4 HOH 35 1086 1086 HOH HOH B . 
F 4 HOH 36 1087 1087 HOH HOH B . 
F 4 HOH 37 1089 1089 HOH HOH B . 
F 4 HOH 38 1090 1090 HOH HOH B . 
F 4 HOH 39 1092 1092 HOH HOH B . 
F 4 HOH 40 1094 1094 HOH HOH B . 
F 4 HOH 41 1096 1096 HOH HOH B . 
F 4 HOH 42 1097 1097 HOH HOH B . 
F 4 HOH 43 1098 1098 HOH HOH B . 
F 4 HOH 44 1099 1099 HOH HOH B . 
F 4 HOH 45 1100 1100 HOH HOH B . 
F 4 HOH 46 1101 1101 HOH HOH B . 
F 4 HOH 47 1103 1103 HOH HOH B . 
F 4 HOH 48 1105 1105 HOH HOH B . 
F 4 HOH 49 1106 1106 HOH HOH B . 
F 4 HOH 50 1108 1108 HOH HOH B . 
F 4 HOH 51 1109 1109 HOH HOH B . 
F 4 HOH 52 1111 1111 HOH HOH B . 
F 4 HOH 53 1117 1117 HOH HOH B . 
F 4 HOH 54 1120 1120 HOH HOH B . 
F 4 HOH 55 1124 1124 HOH HOH B . 
F 4 HOH 56 1126 1126 HOH HOH B . 
F 4 HOH 57 1130 1130 HOH HOH B . 
F 4 HOH 58 1132 1132 HOH HOH B . 
F 4 HOH 59 1134 1134 HOH HOH B . 
F 4 HOH 60 1136 1136 HOH HOH B . 
F 4 HOH 61 1137 1137 HOH HOH B . 
F 4 HOH 62 1138 26   HOH MO6 B . 
F 4 HOH 63 1142 26   HOH MO6 B . 
F 4 HOH 64 1143 26   HOH MO6 B . 
# 
loop_
_software.name 
_software.classification 
_software.version 
_software.citation_id 
_software.pdbx_ordinal 
SHELXL-97 refinement       . ? 1 
bioteX    'data reduction' . ? 2 
bioteX    'data scaling'   . ? 3 
# 
_cell.entry_id           403D 
_cell.length_a           25.759 
_cell.length_b           41.084 
_cell.length_c           64.307 
_cell.angle_alpha        90.00 
_cell.angle_beta         90.00 
_cell.angle_gamma        90.00 
_cell.Z_PDB              8 
_cell.pdbx_unique_axis   ? 
_cell.length_a_esd       ? 
_cell.length_b_esd       ? 
_cell.length_c_esd       ? 
_cell.angle_alpha_esd    ? 
_cell.angle_beta_esd     ? 
_cell.angle_gamma_esd    ? 
# 
_symmetry.entry_id                         403D 
_symmetry.space_group_name_H-M             'P 21 21 21' 
_symmetry.pdbx_full_space_group_name_H-M   ? 
_symmetry.cell_setting                     ? 
_symmetry.Int_Tables_number                19 
_symmetry.space_group_name_Hall            ? 
# 
_exptl.entry_id          403D 
_exptl.method            'X-RAY DIFFRACTION' 
_exptl.crystals_number   1 
# 
_exptl_crystal.id                    1 
_exptl_crystal.density_meas          ? 
_exptl_crystal.density_Matthews      2.14 
_exptl_crystal.density_percent_sol   52.0000 
_exptl_crystal.description           ? 
_exptl_crystal.F_000                 ? 
_exptl_crystal.preparation           ? 
# 
_exptl_crystal_grow.crystal_id      1 
_exptl_crystal_grow.method          'VAPOR DIFFUSION' 
_exptl_crystal_grow.temp            ? 
_exptl_crystal_grow.temp_details    ? 
_exptl_crystal_grow.pH              6.50 
_exptl_crystal_grow.pdbx_details    'pH 6.50, VAPOR DIFFUSION' 
_exptl_crystal_grow.pdbx_pH_range   ? 
# 
loop_
_exptl_crystal_grow_comp.crystal_id 
_exptl_crystal_grow_comp.id 
_exptl_crystal_grow_comp.sol_id 
_exptl_crystal_grow_comp.name 
_exptl_crystal_grow_comp.volume 
_exptl_crystal_grow_comp.conc 
_exptl_crystal_grow_comp.details 
1 1 1 WATER               ? ? ? 
1 2 1 MGCL2               ? ? ? 
1 3 1 SPERMINE            ? ? ? 
1 4 1 'SODIUM CACODYLATE' ? ? ? 
1 5 2 WATER               ? ? ? 
1 6 2 MPD                 ? ? ? 
# 
_diffrn.id                     1 
_diffrn.ambient_temp           123.00 
_diffrn.ambient_temp_details   ? 
_diffrn.crystal_id             1 
# 
_diffrn_detector.diffrn_id              1 
_diffrn_detector.detector               'IMAGE PLATE' 
_diffrn_detector.type                   RIGAKU 
_diffrn_detector.pdbx_collection_date   1997-08-27 
_diffrn_detector.details                ? 
# 
_diffrn_radiation.diffrn_id                        1 
_diffrn_radiation.wavelength_id                    1 
_diffrn_radiation.pdbx_monochromatic_or_laue_m_l   M 
_diffrn_radiation.monochromator                    ? 
_diffrn_radiation.pdbx_diffrn_protocol             'SINGLE WAVELENGTH' 
_diffrn_radiation.pdbx_scattering_type             x-ray 
# 
_diffrn_radiation_wavelength.id           1 
_diffrn_radiation_wavelength.wavelength   . 
_diffrn_radiation_wavelength.wt           1.0 
# 
_diffrn_source.diffrn_id                   1 
_diffrn_source.source                      'ROTATING ANODE' 
_diffrn_source.type                        'RIGAKU RU200' 
_diffrn_source.pdbx_synchrotron_site       ? 
_diffrn_source.pdbx_synchrotron_beamline   ? 
_diffrn_source.pdbx_wavelength             ? 
_diffrn_source.pdbx_wavelength_list        ? 
# 
_reflns.entry_id                     403D 
_reflns.observed_criterion_sigma_I   0.000 
_reflns.observed_criterion_sigma_F   ? 
_reflns.d_resolution_low             10.000 
_reflns.d_resolution_high            1.400 
_reflns.number_obs                   11253 
_reflns.number_all                   11253 
_reflns.percent_possible_obs         80.300 
_reflns.pdbx_Rmerge_I_obs            0.053 
_reflns.pdbx_Rsym_value              ? 
_reflns.pdbx_netI_over_sigmaI        ? 
_reflns.B_iso_Wilson_estimate        ? 
_reflns.pdbx_redundancy              3.000 
_reflns.pdbx_ordinal                 1 
_reflns.pdbx_diffrn_id               1 
_reflns.R_free_details               ? 
_reflns.pdbx_chi_squared             ? 
_reflns.pdbx_scaling_rejects         ? 
# 
_refine.entry_id                                 403D 
_refine.ls_number_reflns_obs                     11253 
_refine.ls_number_reflns_all                     11253 
_refine.pdbx_ls_sigma_I                          ? 
_refine.pdbx_ls_sigma_F                          0.000 
_refine.pdbx_data_cutoff_high_absF               ? 
_refine.pdbx_data_cutoff_low_absF                ? 
_refine.pdbx_data_cutoff_high_rms_absF           ? 
_refine.ls_d_res_low                             10.000 
_refine.ls_d_res_high                            1.400 
_refine.ls_percent_reflns_obs                    80.300 
_refine.ls_R_factor_obs                          0.242 
_refine.ls_R_factor_all                          0.245 
_refine.ls_R_factor_R_work                       0.245 
_refine.ls_R_factor_R_free                       0.316 
_refine.ls_R_factor_R_free_error                 ? 
_refine.ls_R_factor_R_free_error_details         ? 
_refine.ls_percent_reflns_R_free                 5.000 
_refine.ls_number_reflns_R_free                  564 
_refine.ls_number_parameters                     ? 
_refine.ls_number_restraints                     ? 
_refine.occupancy_min                            ? 
_refine.occupancy_max                            ? 
_refine.B_iso_mean                               ? 
_refine.aniso_B[1][1]                            ? 
_refine.aniso_B[2][2]                            ? 
_refine.aniso_B[3][3]                            ? 
_refine.aniso_B[1][2]                            ? 
_refine.aniso_B[1][3]                            ? 
_refine.aniso_B[2][3]                            ? 
_refine.solvent_model_details                    ? 
_refine.solvent_model_param_ksol                 ? 
_refine.solvent_model_param_bsol                 ? 
_refine.pdbx_ls_cross_valid_method               R-FREE 
_refine.details                                  ? 
_refine.pdbx_starting_model                      ? 
_refine.pdbx_method_to_determine_struct          ? 
_refine.pdbx_isotropic_thermal_model             ISOTROPIC 
_refine.pdbx_stereochemistry_target_values       ? 
_refine.pdbx_stereochem_target_val_spec_case     ? 
_refine.pdbx_R_Free_selection_details            RANDOM 
_refine.pdbx_overall_ESU_R                       ? 
_refine.pdbx_overall_ESU_R_Free                  ? 
_refine.overall_SU_ML                            ? 
_refine.overall_SU_B                             ? 
_refine.pdbx_refine_id                           'X-RAY DIFFRACTION' 
_refine.pdbx_diffrn_id                           1 
_refine.ls_redundancy_reflns_obs                 ? 
_refine.pdbx_overall_phase_error                 ? 
_refine.correlation_coeff_Fo_to_Fc               ? 
_refine.correlation_coeff_Fo_to_Fc_free          ? 
_refine.pdbx_solvent_vdw_probe_radii             ? 
_refine.pdbx_solvent_ion_probe_radii             ? 
_refine.pdbx_solvent_shrinkage_radii             ? 
_refine.overall_SU_R_Cruickshank_DPI             ? 
_refine.overall_SU_R_free                        ? 
_refine.ls_wR_factor_R_free                      ? 
_refine.ls_wR_factor_R_work                      ? 
_refine.overall_FOM_free_R_set                   ? 
_refine.overall_FOM_work_R_set                   ? 
_refine.pdbx_TLS_residual_ADP_flag               ? 
_refine.pdbx_overall_SU_R_free_Cruickshank_DPI   ? 
_refine.pdbx_overall_SU_R_Blow_DPI               ? 
_refine.pdbx_overall_SU_R_free_Blow_DPI          ? 
# 
_refine_hist.pdbx_refine_id                   'X-RAY DIFFRACTION' 
_refine_hist.cycle_id                         LAST 
_refine_hist.pdbx_number_atoms_protein        0 
_refine_hist.pdbx_number_atoms_nucleic_acid   488 
_refine_hist.pdbx_number_atoms_ligand         35 
_refine_hist.number_atoms_solvent             128 
_refine_hist.number_atoms_total               651 
_refine_hist.d_res_high                       1.400 
_refine_hist.d_res_low                        10.000 
# 
loop_
_refine_ls_restr.type 
_refine_ls_restr.dev_ideal 
_refine_ls_restr.dev_ideal_target 
_refine_ls_restr.weight 
_refine_ls_restr.number 
_refine_ls_restr.pdbx_refine_id 
_refine_ls_restr.pdbx_restraint_function 
s_bond_d               0.009 ? ? ? 'X-RAY DIFFRACTION' ? 
s_angle_d              0.031 ? ? ? 'X-RAY DIFFRACTION' ? 
s_similar_dist         ?     ? ? ? 'X-RAY DIFFRACTION' ? 
s_from_restr_planes    ?     ? ? ? 'X-RAY DIFFRACTION' ? 
s_zero_chiral_vol      ?     ? ? ? 'X-RAY DIFFRACTION' ? 
s_non_zero_chiral_vol  ?     ? ? ? 'X-RAY DIFFRACTION' ? 
s_anti_bump_dis_restr  ?     ? ? ? 'X-RAY DIFFRACTION' ? 
s_rigid_bond_adp_cmpnt ?     ? ? ? 'X-RAY DIFFRACTION' ? 
s_similar_adp_cmpnt    ?     ? ? ? 'X-RAY DIFFRACTION' ? 
s_approx_iso_adps      ?     ? ? ? 'X-RAY DIFFRACTION' ? 
# 
_pdbx_refine.entry_id                                    403D 
_pdbx_refine.R_factor_all_no_cutoff                      ? 
_pdbx_refine.R_factor_obs_no_cutoff                      ? 
_pdbx_refine.free_R_factor_no_cutoff                     ? 
_pdbx_refine.free_R_val_test_set_size_perc_no_cutoff     ? 
_pdbx_refine.free_R_val_test_set_ct_no_cutoff            ? 
_pdbx_refine.R_factor_all_4sig_cutoff                    0.219 
_pdbx_refine.R_factor_obs_4sig_cutoff                    0.216 
_pdbx_refine.free_R_factor_4sig_cutoff                   0.296 
_pdbx_refine.free_R_val_test_set_size_perc_4sig_cutoff   5.00 
_pdbx_refine.free_R_val_test_set_ct_4sig_cutoff          446.00 
_pdbx_refine.number_reflns_obs_4sig_cutoff               8608 
_pdbx_refine.pdbx_refine_id                              'X-RAY DIFFRACTION' 
_pdbx_refine.free_R_error_no_cutoff                      ? 
# 
_struct.entry_id                  403D 
_struct.title                     
;5'-D(*CP*GP*CP*(HYD)AP*AP*AP*TP*TP*TP*GP*CP*G)-3', 2'-(4-ETHOXYPHENYL)-5-(4-METHYL-1-PIPERAZINYL)-2,5'-BI-BENZIMIDAZOLE
;
_struct.pdbx_model_details        ? 
_struct.pdbx_CASP_flag            ? 
_struct.pdbx_model_type_details   ? 
# 
_struct_keywords.entry_id        403D 
_struct_keywords.pdbx_keywords   DNA 
_struct_keywords.text            'DNA-DRUG COMPLEX, B-DNA DOUBLE HELIX, DNA' 
# 
loop_
_struct_asym.id 
_struct_asym.pdbx_blank_PDB_chainid_flag 
_struct_asym.pdbx_modified 
_struct_asym.entity_id 
_struct_asym.details 
A N N 1 ? 
B N N 1 ? 
C N N 2 ? 
D N N 3 ? 
E N N 4 ? 
F N N 4 ? 
# 
_struct_ref.id                         1 
_struct_ref.entity_id                  1 
_struct_ref.db_name                    PDB 
_struct_ref.db_code                    403D 
_struct_ref.pdbx_db_accession          403D 
_struct_ref.pdbx_align_begin           ? 
_struct_ref.pdbx_seq_one_letter_code   ? 
_struct_ref.pdbx_db_isoform            ? 
# 
loop_
_struct_ref_seq.align_id 
_struct_ref_seq.ref_id 
_struct_ref_seq.pdbx_PDB_id_code 
_struct_ref_seq.pdbx_strand_id 
_struct_ref_seq.seq_align_beg 
_struct_ref_seq.pdbx_seq_align_beg_ins_code 
_struct_ref_seq.seq_align_end 
_struct_ref_seq.pdbx_seq_align_end_ins_code 
_struct_ref_seq.pdbx_db_accession 
_struct_ref_seq.db_align_beg 
_struct_ref_seq.pdbx_db_align_beg_ins_code 
_struct_ref_seq.db_align_end 
_struct_ref_seq.pdbx_db_align_end_ins_code 
_struct_ref_seq.pdbx_auth_seq_align_beg 
_struct_ref_seq.pdbx_auth_seq_align_end 
1 1 403D A 1 ? 12 ? 403D 1  ? 12 ? 1  12 
2 1 403D B 1 ? 12 ? 403D 13 ? 24 ? 13 24 
# 
_pdbx_struct_assembly.id                   1 
_pdbx_struct_assembly.details              author_defined_assembly 
_pdbx_struct_assembly.method_details       ? 
_pdbx_struct_assembly.oligomeric_details   dimeric 
_pdbx_struct_assembly.oligomeric_count     2 
# 
_pdbx_struct_assembly_gen.assembly_id       1 
_pdbx_struct_assembly_gen.oper_expression   1 
_pdbx_struct_assembly_gen.asym_id_list      A,B,C,D,E,F 
# 
_pdbx_struct_oper_list.id                   1 
_pdbx_struct_oper_list.type                 'identity operation' 
_pdbx_struct_oper_list.name                 1_555 
_pdbx_struct_oper_list.symmetry_operation   x,y,z 
_pdbx_struct_oper_list.matrix[1][1]         1.0000000000 
_pdbx_struct_oper_list.matrix[1][2]         0.0000000000 
_pdbx_struct_oper_list.matrix[1][3]         0.0000000000 
_pdbx_struct_oper_list.vector[1]            0.0000000000 
_pdbx_struct_oper_list.matrix[2][1]         0.0000000000 
_pdbx_struct_oper_list.matrix[2][2]         1.0000000000 
_pdbx_struct_oper_list.matrix[2][3]         0.0000000000 
_pdbx_struct_oper_list.vector[2]            0.0000000000 
_pdbx_struct_oper_list.matrix[3][1]         0.0000000000 
_pdbx_struct_oper_list.matrix[3][2]         0.0000000000 
_pdbx_struct_oper_list.matrix[3][3]         1.0000000000 
_pdbx_struct_oper_list.vector[3]            0.0000000000 
# 
_struct_biol.id        1 
_struct_biol.details   ? 
# 
loop_
_struct_conn.id 
_struct_conn.conn_type_id 
_struct_conn.pdbx_leaving_atom_flag 
_struct_conn.pdbx_PDB_id 
_struct_conn.ptnr1_label_asym_id 
_struct_conn.ptnr1_label_comp_id 
_struct_conn.ptnr1_label_seq_id 
_struct_conn.ptnr1_label_atom_id 
_struct_conn.pdbx_ptnr1_label_alt_id 
_struct_conn.pdbx_ptnr1_PDB_ins_code 
_struct_conn.pdbx_ptnr1_standard_comp_id 
_struct_conn.ptnr1_symmetry 
_struct_conn.ptnr2_label_asym_id 
_struct_conn.ptnr2_label_comp_id 
_struct_conn.ptnr2_label_seq_id 
_struct_conn.ptnr2_label_atom_id 
_struct_conn.pdbx_ptnr2_label_alt_id 
_struct_conn.pdbx_ptnr2_PDB_ins_code 
_struct_conn.ptnr1_auth_asym_id 
_struct_conn.ptnr1_auth_comp_id 
_struct_conn.ptnr1_auth_seq_id 
_struct_conn.ptnr2_auth_asym_id 
_struct_conn.ptnr2_auth_comp_id 
_struct_conn.ptnr2_auth_seq_id 
_struct_conn.ptnr2_symmetry 
_struct_conn.pdbx_ptnr3_label_atom_id 
_struct_conn.pdbx_ptnr3_label_seq_id 
_struct_conn.pdbx_ptnr3_label_comp_id 
_struct_conn.pdbx_ptnr3_label_asym_id 
_struct_conn.pdbx_ptnr3_label_alt_id 
_struct_conn.pdbx_ptnr3_PDB_ins_code 
_struct_conn.details 
_struct_conn.pdbx_dist_value 
_struct_conn.pdbx_value_order 
_struct_conn.pdbx_role 
covale1  covale both ? A DC  3  "O3'" ? ? ? 1_555 A IGU 4  P  ? ? A DC  3  A IGU 4    1_555 ? ? ? ? ? ? ?                1.590 ? ? 
covale2  covale both ? A IGU 4  "O3'" ? ? ? 1_555 A DA  5  P  ? ? A IGU 4  A DA  5    1_555 ? ? ? ? ? ? ?                1.598 ? ? 
covale3  covale both ? B DC  3  "O3'" ? ? ? 1_555 B IGU 4  P  ? ? B DC  15 B IGU 16   1_555 ? ? ? ? ? ? ?                1.601 ? ? 
covale4  covale both ? B IGU 4  "O3'" ? ? ? 1_555 B DA  5  P  ? ? B IGU 16 B DA  17   1_555 ? ? ? ? ? ? ?                1.611 ? ? 
metalc1  metalc ?    ? D MG  .  MG    ? ? ? 1_555 E HOH .  O  ? ? A MG  26 A HOH 1139 1_555 ? ? ? ? ? ? ?                2.052 ? ? 
metalc2  metalc ?    ? D MG  .  MG    ? ? ? 1_555 E HOH .  O  ? ? A MG  26 A HOH 1140 1_555 ? ? ? ? ? ? ?                2.038 ? ? 
metalc3  metalc ?    ? D MG  .  MG    ? ? ? 1_555 E HOH .  O  ? ? A MG  26 A HOH 1141 1_555 ? ? ? ? ? ? ?                2.063 ? ? 
metalc4  metalc ?    ? D MG  .  MG    ? ? ? 1_555 F HOH .  O  ? ? A MG  26 B HOH 1138 1_555 ? ? ? ? ? ? ?                2.059 ? ? 
metalc5  metalc ?    ? D MG  .  MG    ? ? ? 1_555 F HOH .  O  ? ? A MG  26 B HOH 1142 1_555 ? ? ? ? ? ? ?                2.086 ? ? 
metalc6  metalc ?    ? D MG  .  MG    ? ? ? 1_555 F HOH .  O  ? ? A MG  26 B HOH 1143 1_555 ? ? ? ? ? ? ?                2.045 ? ? 
hydrog1  hydrog ?    ? A DC  1  N3    ? ? ? 1_555 B DG  12 N1 ? ? A DC  1  B DG  24   1_555 ? ? ? ? ? ? WATSON-CRICK     ?     ? ? 
hydrog2  hydrog ?    ? A DC  1  N4    ? ? ? 1_555 B DG  12 O6 ? ? A DC  1  B DG  24   1_555 ? ? ? ? ? ? WATSON-CRICK     ?     ? ? 
hydrog3  hydrog ?    ? A DC  1  O2    ? ? ? 1_555 B DG  12 N2 ? ? A DC  1  B DG  24   1_555 ? ? ? ? ? ? WATSON-CRICK     ?     ? ? 
hydrog4  hydrog ?    ? A DG  2  N1    ? ? ? 1_555 B DC  11 N3 ? ? A DG  2  B DC  23   1_555 ? ? ? ? ? ? WATSON-CRICK     ?     ? ? 
hydrog5  hydrog ?    ? A DG  2  N2    ? ? ? 1_555 B DC  11 O2 ? ? A DG  2  B DC  23   1_555 ? ? ? ? ? ? WATSON-CRICK     ?     ? ? 
hydrog6  hydrog ?    ? A DG  2  O6    ? ? ? 1_555 B DC  11 N4 ? ? A DG  2  B DC  23   1_555 ? ? ? ? ? ? WATSON-CRICK     ?     ? ? 
hydrog7  hydrog ?    ? A DC  3  N3    ? ? ? 1_555 B DG  10 N1 ? ? A DC  3  B DG  22   1_555 ? ? ? ? ? ? WATSON-CRICK     ?     ? ? 
hydrog8  hydrog ?    ? A DC  3  N4    ? ? ? 1_555 B DG  10 O6 ? ? A DC  3  B DG  22   1_555 ? ? ? ? ? ? WATSON-CRICK     ?     ? ? 
hydrog9  hydrog ?    ? A DC  3  O2    ? ? ? 1_555 B DG  10 N2 ? ? A DC  3  B DG  22   1_555 ? ? ? ? ? ? WATSON-CRICK     ?     ? ? 
hydrog10 hydrog ?    ? A DA  5  N1    ? ? ? 1_555 B DT  8  N3 ? ? A DA  5  B DT  20   1_555 ? ? ? ? ? ? WATSON-CRICK     ?     ? ? 
hydrog11 hydrog ?    ? A DA  5  N6    ? ? ? 1_555 B DT  8  O4 ? ? A DA  5  B DT  20   1_555 ? ? ? ? ? ? WATSON-CRICK     ?     ? ? 
hydrog12 hydrog ?    ? A DA  6  N1    ? ? ? 1_555 B DT  7  N3 ? ? A DA  6  B DT  19   1_555 ? ? ? ? ? ? WATSON-CRICK     ?     ? ? 
hydrog13 hydrog ?    ? A DA  6  N6    ? ? ? 1_555 B DT  7  O4 ? ? A DA  6  B DT  19   1_555 ? ? ? ? ? ? WATSON-CRICK     ?     ? ? 
hydrog14 hydrog ?    ? A DT  7  N3    ? ? ? 1_555 B DA  6  N1 ? ? A DT  7  B DA  18   1_555 ? ? ? ? ? ? WATSON-CRICK     ?     ? ? 
hydrog15 hydrog ?    ? A DT  7  O4    ? ? ? 1_555 B DA  6  N6 ? ? A DT  7  B DA  18   1_555 ? ? ? ? ? ? WATSON-CRICK     ?     ? ? 
hydrog16 hydrog ?    ? A DT  8  N3    ? ? ? 1_555 B DA  5  N1 ? ? A DT  8  B DA  17   1_555 ? ? ? ? ? ? WATSON-CRICK     ?     ? ? 
hydrog17 hydrog ?    ? A DT  8  O4    ? ? ? 1_555 B DA  5  N6 ? ? A DT  8  B DA  17   1_555 ? ? ? ? ? ? WATSON-CRICK     ?     ? ? 
hydrog18 hydrog ?    ? A DT  9  O4    ? ? ? 1_555 B IGU 4  N1 ? ? A DT  9  B IGU 16   1_555 ? ? ? ? ? ? 'DT-IGU MISPAIR' ?     ? ? 
hydrog19 hydrog ?    ? A DG  10 N1    ? ? ? 1_555 B DC  3  N3 ? ? A DG  10 B DC  15   1_555 ? ? ? ? ? ? WATSON-CRICK     ?     ? ? 
hydrog20 hydrog ?    ? A DG  10 N2    ? ? ? 1_555 B DC  3  O2 ? ? A DG  10 B DC  15   1_555 ? ? ? ? ? ? WATSON-CRICK     ?     ? ? 
hydrog21 hydrog ?    ? A DG  10 O6    ? ? ? 1_555 B DC  3  N4 ? ? A DG  10 B DC  15   1_555 ? ? ? ? ? ? WATSON-CRICK     ?     ? ? 
hydrog22 hydrog ?    ? A DC  11 N3    ? ? ? 1_555 B DG  2  N1 ? ? A DC  11 B DG  14   1_555 ? ? ? ? ? ? WATSON-CRICK     ?     ? ? 
hydrog23 hydrog ?    ? A DC  11 N4    ? ? ? 1_555 B DG  2  O6 ? ? A DC  11 B DG  14   1_555 ? ? ? ? ? ? WATSON-CRICK     ?     ? ? 
hydrog24 hydrog ?    ? A DC  11 O2    ? ? ? 1_555 B DG  2  N2 ? ? A DC  11 B DG  14   1_555 ? ? ? ? ? ? WATSON-CRICK     ?     ? ? 
hydrog25 hydrog ?    ? A DG  12 N1    ? ? ? 1_555 B DC  1  N3 ? ? A DG  12 B DC  13   1_555 ? ? ? ? ? ? WATSON-CRICK     ?     ? ? 
hydrog26 hydrog ?    ? A DG  12 N2    ? ? ? 1_555 B DC  1  O2 ? ? A DG  12 B DC  13   1_555 ? ? ? ? ? ? WATSON-CRICK     ?     ? ? 
hydrog27 hydrog ?    ? A DG  12 O6    ? ? ? 1_555 B DC  1  N4 ? ? A DG  12 B DC  13   1_555 ? ? ? ? ? ? WATSON-CRICK     ?     ? ? 
# 
loop_
_struct_conn_type.id 
_struct_conn_type.criteria 
_struct_conn_type.reference 
covale ? ? 
metalc ? ? 
hydrog ? ? 
# 
loop_
_pdbx_struct_conn_angle.id 
_pdbx_struct_conn_angle.ptnr1_label_atom_id 
_pdbx_struct_conn_angle.ptnr1_label_alt_id 
_pdbx_struct_conn_angle.ptnr1_label_asym_id 
_pdbx_struct_conn_angle.ptnr1_label_comp_id 
_pdbx_struct_conn_angle.ptnr1_label_seq_id 
_pdbx_struct_conn_angle.ptnr1_auth_atom_id 
_pdbx_struct_conn_angle.ptnr1_auth_asym_id 
_pdbx_struct_conn_angle.ptnr1_auth_comp_id 
_pdbx_struct_conn_angle.ptnr1_auth_seq_id 
_pdbx_struct_conn_angle.ptnr1_PDB_ins_code 
_pdbx_struct_conn_angle.ptnr1_symmetry 
_pdbx_struct_conn_angle.ptnr2_label_atom_id 
_pdbx_struct_conn_angle.ptnr2_label_alt_id 
_pdbx_struct_conn_angle.ptnr2_label_asym_id 
_pdbx_struct_conn_angle.ptnr2_label_comp_id 
_pdbx_struct_conn_angle.ptnr2_label_seq_id 
_pdbx_struct_conn_angle.ptnr2_auth_atom_id 
_pdbx_struct_conn_angle.ptnr2_auth_asym_id 
_pdbx_struct_conn_angle.ptnr2_auth_comp_id 
_pdbx_struct_conn_angle.ptnr2_auth_seq_id 
_pdbx_struct_conn_angle.ptnr2_PDB_ins_code 
_pdbx_struct_conn_angle.ptnr2_symmetry 
_pdbx_struct_conn_angle.ptnr3_label_atom_id 
_pdbx_struct_conn_angle.ptnr3_label_alt_id 
_pdbx_struct_conn_angle.ptnr3_label_asym_id 
_pdbx_struct_conn_angle.ptnr3_label_comp_id 
_pdbx_struct_conn_angle.ptnr3_label_seq_id 
_pdbx_struct_conn_angle.ptnr3_auth_atom_id 
_pdbx_struct_conn_angle.ptnr3_auth_asym_id 
_pdbx_struct_conn_angle.ptnr3_auth_comp_id 
_pdbx_struct_conn_angle.ptnr3_auth_seq_id 
_pdbx_struct_conn_angle.ptnr3_PDB_ins_code 
_pdbx_struct_conn_angle.ptnr3_symmetry 
_pdbx_struct_conn_angle.value 
_pdbx_struct_conn_angle.value_esd 
1  O ? E HOH . ? A HOH 1139 ? 1_555 MG ? D MG . ? A MG 26 ? 1_555 O ? E HOH . ? A HOH 1140 ? 1_555 91.9  ? 
2  O ? E HOH . ? A HOH 1139 ? 1_555 MG ? D MG . ? A MG 26 ? 1_555 O ? E HOH . ? A HOH 1141 ? 1_555 90.8  ? 
3  O ? E HOH . ? A HOH 1140 ? 1_555 MG ? D MG . ? A MG 26 ? 1_555 O ? E HOH . ? A HOH 1141 ? 1_555 88.8  ? 
4  O ? E HOH . ? A HOH 1139 ? 1_555 MG ? D MG . ? A MG 26 ? 1_555 O ? F HOH . ? B HOH 1138 ? 1_555 176.3 ? 
5  O ? E HOH . ? A HOH 1140 ? 1_555 MG ? D MG . ? A MG 26 ? 1_555 O ? F HOH . ? B HOH 1138 ? 1_555 91.7  ? 
6  O ? E HOH . ? A HOH 1141 ? 1_555 MG ? D MG . ? A MG 26 ? 1_555 O ? F HOH . ? B HOH 1138 ? 1_555 90.1  ? 
7  O ? E HOH . ? A HOH 1139 ? 1_555 MG ? D MG . ? A MG 26 ? 1_555 O ? F HOH . ? B HOH 1142 ? 1_555 87.2  ? 
8  O ? E HOH . ? A HOH 1140 ? 1_555 MG ? D MG . ? A MG 26 ? 1_555 O ? F HOH . ? B HOH 1142 ? 1_555 179.1 ? 
9  O ? E HOH . ? A HOH 1141 ? 1_555 MG ? D MG . ? A MG 26 ? 1_555 O ? F HOH . ? B HOH 1142 ? 1_555 90.9  ? 
10 O ? F HOH . ? B HOH 1138 ? 1_555 MG ? D MG . ? A MG 26 ? 1_555 O ? F HOH . ? B HOH 1142 ? 1_555 89.2  ? 
11 O ? E HOH . ? A HOH 1139 ? 1_555 MG ? D MG . ? A MG 26 ? 1_555 O ? F HOH . ? B HOH 1143 ? 1_555 89.6  ? 
12 O ? E HOH . ? A HOH 1140 ? 1_555 MG ? D MG . ? A MG 26 ? 1_555 O ? F HOH . ? B HOH 1143 ? 1_555 90.5  ? 
13 O ? E HOH . ? A HOH 1141 ? 1_555 MG ? D MG . ? A MG 26 ? 1_555 O ? F HOH . ? B HOH 1143 ? 1_555 179.2 ? 
14 O ? F HOH . ? B HOH 1138 ? 1_555 MG ? D MG . ? A MG 26 ? 1_555 O ? F HOH . ? B HOH 1143 ? 1_555 89.6  ? 
15 O ? F HOH . ? B HOH 1142 ? 1_555 MG ? D MG . ? A MG 26 ? 1_555 O ? F HOH . ? B HOH 1143 ? 1_555 89.8  ? 
# 
loop_
_struct_site.id 
_struct_site.pdbx_evidence_code 
_struct_site.pdbx_auth_asym_id 
_struct_site.pdbx_auth_comp_id 
_struct_site.pdbx_auth_seq_id 
_struct_site.pdbx_auth_ins_code 
_struct_site.pdbx_num_residues 
_struct_site.details 
AC1 Software A HT1 25 ? 15 'BINDING SITE FOR RESIDUE HT1 A 25' 
AC2 Software A MG  26 ? 6  'BINDING SITE FOR RESIDUE MG A 26'  
1   ?        ? ?   ?  ? ?  ?                                   
# 
loop_
_struct_site_gen.id 
_struct_site_gen.site_id 
_struct_site_gen.pdbx_num_res 
_struct_site_gen.label_comp_id 
_struct_site_gen.label_asym_id 
_struct_site_gen.label_seq_id 
_struct_site_gen.pdbx_auth_ins_code 
_struct_site_gen.auth_comp_id 
_struct_site_gen.auth_asym_id 
_struct_site_gen.auth_seq_id 
_struct_site_gen.label_atom_id 
_struct_site_gen.label_alt_id 
_struct_site_gen.symmetry 
_struct_site_gen.details 
1  AC1 15 IGU A 4  ? IGU A 4    . ? 1_555 ? 
2  AC1 15 DA  A 5  ? DA  A 5    . ? 1_555 ? 
3  AC1 15 DA  A 6  ? DA  A 6    . ? 1_555 ? 
4  AC1 15 DT  A 7  ? DT  A 7    . ? 1_555 ? 
5  AC1 15 DT  A 8  ? DT  A 8    . ? 1_555 ? 
6  AC1 15 DT  A 9  ? DT  A 9    . ? 1_555 ? 
7  AC1 15 DG  A 12 ? DG  A 12   . ? 2_565 ? 
8  AC1 15 HOH E .  ? HOH A 1035 . ? 1_555 ? 
9  AC1 15 HOH E .  ? HOH A 1072 . ? 1_555 ? 
10 AC1 15 HOH E .  ? HOH A 1093 . ? 1_555 ? 
11 AC1 15 DA  B 6  ? DA  B 18   . ? 1_555 ? 
12 AC1 15 DT  B 7  ? DT  B 19   . ? 1_555 ? 
13 AC1 15 DT  B 8  ? DT  B 20   . ? 1_555 ? 
14 AC1 15 DT  B 9  ? DT  B 21   . ? 1_555 ? 
15 AC1 15 HOH F .  ? HOH B 1101 . ? 1_555 ? 
16 AC2 6  HOH E .  ? HOH A 1139 . ? 1_555 ? 
17 AC2 6  HOH E .  ? HOH A 1140 . ? 1_555 ? 
18 AC2 6  HOH E .  ? HOH A 1141 . ? 1_555 ? 
19 AC2 6  HOH F .  ? HOH B 1138 . ? 1_555 ? 
20 AC2 6  HOH F .  ? HOH B 1142 . ? 1_555 ? 
21 AC2 6  HOH F .  ? HOH B 1143 . ? 1_555 ? 
# 
loop_
_pdbx_validate_rmsd_bond.id 
_pdbx_validate_rmsd_bond.PDB_model_num 
_pdbx_validate_rmsd_bond.auth_atom_id_1 
_pdbx_validate_rmsd_bond.auth_asym_id_1 
_pdbx_validate_rmsd_bond.auth_comp_id_1 
_pdbx_validate_rmsd_bond.auth_seq_id_1 
_pdbx_validate_rmsd_bond.PDB_ins_code_1 
_pdbx_validate_rmsd_bond.label_alt_id_1 
_pdbx_validate_rmsd_bond.auth_atom_id_2 
_pdbx_validate_rmsd_bond.auth_asym_id_2 
_pdbx_validate_rmsd_bond.auth_comp_id_2 
_pdbx_validate_rmsd_bond.auth_seq_id_2 
_pdbx_validate_rmsd_bond.PDB_ins_code_2 
_pdbx_validate_rmsd_bond.label_alt_id_2 
_pdbx_validate_rmsd_bond.bond_value 
_pdbx_validate_rmsd_bond.bond_target_value 
_pdbx_validate_rmsd_bond.bond_deviation 
_pdbx_validate_rmsd_bond.bond_standard_deviation 
_pdbx_validate_rmsd_bond.linker_flag 
1 1 C6 A DG 2  ? ? O6 A DG 2  ? ? 1.333 1.237 0.096 0.009 N 
2 1 C6 A DG 10 ? ? O6 A DG 10 ? ? 1.331 1.237 0.094 0.009 N 
3 1 C6 A DG 12 ? ? O6 A DG 12 ? ? 1.326 1.237 0.089 0.009 N 
4 1 C6 B DG 14 ? ? O6 B DG 14 ? ? 1.319 1.237 0.082 0.009 N 
5 1 C6 B DG 22 ? ? O6 B DG 22 ? ? 1.331 1.237 0.094 0.009 N 
6 1 C6 B DG 24 ? ? O6 B DG 24 ? ? 1.316 1.237 0.079 0.009 N 
# 
loop_
_pdbx_validate_rmsd_angle.id 
_pdbx_validate_rmsd_angle.PDB_model_num 
_pdbx_validate_rmsd_angle.auth_atom_id_1 
_pdbx_validate_rmsd_angle.auth_asym_id_1 
_pdbx_validate_rmsd_angle.auth_comp_id_1 
_pdbx_validate_rmsd_angle.auth_seq_id_1 
_pdbx_validate_rmsd_angle.PDB_ins_code_1 
_pdbx_validate_rmsd_angle.label_alt_id_1 
_pdbx_validate_rmsd_angle.auth_atom_id_2 
_pdbx_validate_rmsd_angle.auth_asym_id_2 
_pdbx_validate_rmsd_angle.auth_comp_id_2 
_pdbx_validate_rmsd_angle.auth_seq_id_2 
_pdbx_validate_rmsd_angle.PDB_ins_code_2 
_pdbx_validate_rmsd_angle.label_alt_id_2 
_pdbx_validate_rmsd_angle.auth_atom_id_3 
_pdbx_validate_rmsd_angle.auth_asym_id_3 
_pdbx_validate_rmsd_angle.auth_comp_id_3 
_pdbx_validate_rmsd_angle.auth_seq_id_3 
_pdbx_validate_rmsd_angle.PDB_ins_code_3 
_pdbx_validate_rmsd_angle.label_alt_id_3 
_pdbx_validate_rmsd_angle.angle_value 
_pdbx_validate_rmsd_angle.angle_target_value 
_pdbx_validate_rmsd_angle.angle_deviation 
_pdbx_validate_rmsd_angle.angle_standard_deviation 
_pdbx_validate_rmsd_angle.linker_flag 
1  1 "O4'" A DG 2  ? ? "C1'" A DG 2  ? ? N9    A DG  2  ? ? 100.99 108.00 -7.01 0.70 N 
2  1 "C3'" A DC 3  ? ? "O3'" A DC 3  ? ? P     A IGU 4  ? ? 127.08 119.70 7.38  1.20 Y 
3  1 "O4'" A DA 5  ? ? "C1'" A DA 5  ? ? N9    A DA  5  ? ? 102.15 108.00 -5.85 0.70 N 
4  1 "O5'" A DA 6  ? ? "C5'" A DA 6  ? ? "C4'" A DA  6  ? ? 104.37 109.40 -5.03 0.80 N 
5  1 "C1'" A DT 7  ? ? "O4'" A DT 7  ? ? "C4'" A DT  7  ? ? 103.10 110.10 -7.00 1.00 N 
6  1 "O4'" A DC 11 ? ? "C4'" A DC 11 ? ? "C3'" A DC  11 ? ? 99.44  104.50 -5.06 0.40 N 
7  1 N3    A DG 12 ? ? C2    A DG 12 ? ? N2    A DG  12 ? ? 124.36 119.90 4.46  0.70 N 
8  1 N1    B DC 13 ? ? C2    B DC 13 ? ? O2    B DC  13 ? ? 123.24 118.90 4.34  0.60 N 
9  1 "C3'" B DC 13 ? ? "O3'" B DC 13 ? ? P     B DG  14 ? ? 111.80 119.70 -7.90 1.20 Y 
10 1 C6    B DC 15 ? ? N1    B DC 15 ? ? C2    B DC  15 ? ? 117.73 120.30 -2.57 0.40 N 
11 1 "O4'" B DG 24 ? ? "C1'" B DG 24 ? ? "C2'" B DG  24 ? ? 110.68 106.80 3.88  0.50 N 
# 
loop_
_pdbx_validate_planes.id 
_pdbx_validate_planes.PDB_model_num 
_pdbx_validate_planes.auth_comp_id 
_pdbx_validate_planes.auth_asym_id 
_pdbx_validate_planes.auth_seq_id 
_pdbx_validate_planes.PDB_ins_code 
_pdbx_validate_planes.label_alt_id 
_pdbx_validate_planes.rmsd 
_pdbx_validate_planes.type 
1 1 DC A 3  ? ? 0.061 'SIDE CHAIN' 
2 1 DA A 5  ? ? 0.052 'SIDE CHAIN' 
3 1 DT A 7  ? ? 0.073 'SIDE CHAIN' 
4 1 DC A 11 ? ? 0.123 'SIDE CHAIN' 
5 1 DG B 14 ? ? 0.058 'SIDE CHAIN' 
6 1 DA B 17 ? ? 0.060 'SIDE CHAIN' 
7 1 DT B 21 ? ? 0.078 'SIDE CHAIN' 
8 1 DC B 23 ? ? 0.097 'SIDE CHAIN' 
# 
loop_
_pdbx_struct_mod_residue.id 
_pdbx_struct_mod_residue.label_asym_id 
_pdbx_struct_mod_residue.label_comp_id 
_pdbx_struct_mod_residue.label_seq_id 
_pdbx_struct_mod_residue.auth_asym_id 
_pdbx_struct_mod_residue.auth_comp_id 
_pdbx_struct_mod_residue.auth_seq_id 
_pdbx_struct_mod_residue.PDB_ins_code 
_pdbx_struct_mod_residue.parent_comp_id 
_pdbx_struct_mod_residue.details 
1 A IGU 4 A IGU 4  ? DG "2'-DEOXYISOGUANINE-5'-MONOPHOSPHATE" 
2 B IGU 4 B IGU 16 ? DG "2'-DEOXYISOGUANINE-5'-MONOPHOSPHATE" 
# 
_struct_site_keywords.site_id   1 
_struct_site_keywords.text      'MINOR GROOVE BINDER' 
# 
loop_
_chem_comp_atom.comp_id 
_chem_comp_atom.atom_id 
_chem_comp_atom.type_symbol 
_chem_comp_atom.pdbx_aromatic_flag 
_chem_comp_atom.pdbx_stereo_config 
_chem_comp_atom.pdbx_ordinal 
DA  OP3    O  N N 1   
DA  P      P  N N 2   
DA  OP1    O  N N 3   
DA  OP2    O  N N 4   
DA  "O5'"  O  N N 5   
DA  "C5'"  C  N N 6   
DA  "C4'"  C  N R 7   
DA  "O4'"  O  N N 8   
DA  "C3'"  C  N S 9   
DA  "O3'"  O  N N 10  
DA  "C2'"  C  N N 11  
DA  "C1'"  C  N R 12  
DA  N9     N  Y N 13  
DA  C8     C  Y N 14  
DA  N7     N  Y N 15  
DA  C5     C  Y N 16  
DA  C6     C  Y N 17  
DA  N6     N  N N 18  
DA  N1     N  Y N 19  
DA  C2     C  Y N 20  
DA  N3     N  Y N 21  
DA  C4     C  Y N 22  
DA  HOP3   H  N N 23  
DA  HOP2   H  N N 24  
DA  "H5'"  H  N N 25  
DA  "H5''" H  N N 26  
DA  "H4'"  H  N N 27  
DA  "H3'"  H  N N 28  
DA  "HO3'" H  N N 29  
DA  "H2'"  H  N N 30  
DA  "H2''" H  N N 31  
DA  "H1'"  H  N N 32  
DA  H8     H  N N 33  
DA  H61    H  N N 34  
DA  H62    H  N N 35  
DA  H2     H  N N 36  
DC  OP3    O  N N 37  
DC  P      P  N N 38  
DC  OP1    O  N N 39  
DC  OP2    O  N N 40  
DC  "O5'"  O  N N 41  
DC  "C5'"  C  N N 42  
DC  "C4'"  C  N R 43  
DC  "O4'"  O  N N 44  
DC  "C3'"  C  N S 45  
DC  "O3'"  O  N N 46  
DC  "C2'"  C  N N 47  
DC  "C1'"  C  N R 48  
DC  N1     N  N N 49  
DC  C2     C  N N 50  
DC  O2     O  N N 51  
DC  N3     N  N N 52  
DC  C4     C  N N 53  
DC  N4     N  N N 54  
DC  C5     C  N N 55  
DC  C6     C  N N 56  
DC  HOP3   H  N N 57  
DC  HOP2   H  N N 58  
DC  "H5'"  H  N N 59  
DC  "H5''" H  N N 60  
DC  "H4'"  H  N N 61  
DC  "H3'"  H  N N 62  
DC  "HO3'" H  N N 63  
DC  "H2'"  H  N N 64  
DC  "H2''" H  N N 65  
DC  "H1'"  H  N N 66  
DC  H41    H  N N 67  
DC  H42    H  N N 68  
DC  H5     H  N N 69  
DC  H6     H  N N 70  
DG  OP3    O  N N 71  
DG  P      P  N N 72  
DG  OP1    O  N N 73  
DG  OP2    O  N N 74  
DG  "O5'"  O  N N 75  
DG  "C5'"  C  N N 76  
DG  "C4'"  C  N R 77  
DG  "O4'"  O  N N 78  
DG  "C3'"  C  N S 79  
DG  "O3'"  O  N N 80  
DG  "C2'"  C  N N 81  
DG  "C1'"  C  N R 82  
DG  N9     N  Y N 83  
DG  C8     C  Y N 84  
DG  N7     N  Y N 85  
DG  C5     C  Y N 86  
DG  C6     C  N N 87  
DG  O6     O  N N 88  
DG  N1     N  N N 89  
DG  C2     C  N N 90  
DG  N2     N  N N 91  
DG  N3     N  N N 92  
DG  C4     C  Y N 93  
DG  HOP3   H  N N 94  
DG  HOP2   H  N N 95  
DG  "H5'"  H  N N 96  
DG  "H5''" H  N N 97  
DG  "H4'"  H  N N 98  
DG  "H3'"  H  N N 99  
DG  "HO3'" H  N N 100 
DG  "H2'"  H  N N 101 
DG  "H2''" H  N N 102 
DG  "H1'"  H  N N 103 
DG  H8     H  N N 104 
DG  H1     H  N N 105 
DG  H21    H  N N 106 
DG  H22    H  N N 107 
DT  OP3    O  N N 108 
DT  P      P  N N 109 
DT  OP1    O  N N 110 
DT  OP2    O  N N 111 
DT  "O5'"  O  N N 112 
DT  "C5'"  C  N N 113 
DT  "C4'"  C  N R 114 
DT  "O4'"  O  N N 115 
DT  "C3'"  C  N S 116 
DT  "O3'"  O  N N 117 
DT  "C2'"  C  N N 118 
DT  "C1'"  C  N R 119 
DT  N1     N  N N 120 
DT  C2     C  N N 121 
DT  O2     O  N N 122 
DT  N3     N  N N 123 
DT  C4     C  N N 124 
DT  O4     O  N N 125 
DT  C5     C  N N 126 
DT  C7     C  N N 127 
DT  C6     C  N N 128 
DT  HOP3   H  N N 129 
DT  HOP2   H  N N 130 
DT  "H5'"  H  N N 131 
DT  "H5''" H  N N 132 
DT  "H4'"  H  N N 133 
DT  "H3'"  H  N N 134 
DT  "HO3'" H  N N 135 
DT  "H2'"  H  N N 136 
DT  "H2''" H  N N 137 
DT  "H1'"  H  N N 138 
DT  H3     H  N N 139 
DT  H71    H  N N 140 
DT  H72    H  N N 141 
DT  H73    H  N N 142 
DT  H6     H  N N 143 
HOH O      O  N N 144 
HOH H1     H  N N 145 
HOH H2     H  N N 146 
HT1 C1     C  Y N 147 
HT1 O1     O  N N 148 
HT1 C2     C  Y N 149 
HT1 C3     C  Y N 150 
HT1 C4     C  Y N 151 
HT1 C5     C  Y N 152 
HT1 C6     C  Y N 153 
HT1 C7     C  Y N 154 
HT1 N1     N  Y N 155 
HT1 C8     C  Y N 156 
HT1 C9     C  Y N 157 
HT1 N2     N  Y N 158 
HT1 C10    C  Y N 159 
HT1 C11    C  Y N 160 
HT1 C12    C  Y N 161 
HT1 C13    C  Y N 162 
HT1 C14    C  Y N 163 
HT1 N3     N  Y N 164 
HT1 C15    C  Y N 165 
HT1 C16    C  Y N 166 
HT1 N4     N  Y N 167 
HT1 C17    C  Y N 168 
HT1 C18    C  Y N 169 
HT1 C19    C  Y N 170 
HT1 C20    C  Y N 171 
HT1 N5     N  N N 172 
HT1 C21    C  N N 173 
HT1 C22    C  N N 174 
HT1 N6     N  N N 175 
HT1 C23    C  N N 176 
HT1 C24    C  N N 177 
HT1 C25    C  N N 178 
HT1 C26    C  N N 179 
HT1 C27    C  N N 180 
HT1 H2     H  N N 181 
HT1 H3     H  N N 182 
HT1 H5     H  N N 183 
HT1 H6     H  N N 184 
HT1 HN1    H  N N 185 
HT1 H10    H  N N 186 
HT1 H11    H  N N 187 
HT1 H13    H  N N 188 
HT1 HN3    H  N N 189 
HT1 H17    H  N N 190 
HT1 H18    H  N N 191 
HT1 H20    H  N N 192 
HT1 H211   H  N N 193 
HT1 H212   H  N N 194 
HT1 H221   H  N N 195 
HT1 H222   H  N N 196 
HT1 H231   H  N N 197 
HT1 H232   H  N N 198 
HT1 H241   H  N N 199 
HT1 H242   H  N N 200 
HT1 H251   H  N N 201 
HT1 H252   H  N N 202 
HT1 H253   H  N N 203 
HT1 H261   H  N N 204 
HT1 H262   H  N N 205 
HT1 H271   H  N N 206 
HT1 H272   H  N N 207 
HT1 H273   H  N N 208 
IGU P      P  N N 209 
IGU OP1    O  N N 210 
IGU OP2    O  N N 211 
IGU OP3    O  N N 212 
IGU "O5'"  O  N N 213 
IGU "C5'"  C  N N 214 
IGU "C4'"  C  N R 215 
IGU "O4'"  O  N N 216 
IGU "C3'"  C  N S 217 
IGU "O3'"  O  N N 218 
IGU "C2'"  C  N N 219 
IGU "C1'"  C  N R 220 
IGU N9     N  N N 221 
IGU C8     C  N N 222 
IGU N7     N  N N 223 
IGU C6     C  N N 224 
IGU N6     N  N N 225 
IGU C5     C  N N 226 
IGU N1     N  N N 227 
IGU C2     C  N N 228 
IGU O2     O  N N 229 
IGU N3     N  N N 230 
IGU C4     C  N N 231 
IGU HOP2   H  N N 232 
IGU HOP3   H  N N 233 
IGU "H5'"  H  N N 234 
IGU "H5''" H  N N 235 
IGU "H4'"  H  N N 236 
IGU "H3'"  H  N N 237 
IGU "HO3'" H  N N 238 
IGU "H2'"  H  N N 239 
IGU "H2''" H  N N 240 
IGU "H1'"  H  N N 241 
IGU H8     H  N N 242 
IGU HN61   H  N N 243 
IGU HN62   H  N N 244 
IGU HN1    H  N N 245 
MG  MG     MG N N 246 
# 
loop_
_chem_comp_bond.comp_id 
_chem_comp_bond.atom_id_1 
_chem_comp_bond.atom_id_2 
_chem_comp_bond.value_order 
_chem_comp_bond.pdbx_aromatic_flag 
_chem_comp_bond.pdbx_stereo_config 
_chem_comp_bond.pdbx_ordinal 
DA  OP3   P      sing N N 1   
DA  OP3   HOP3   sing N N 2   
DA  P     OP1    doub N N 3   
DA  P     OP2    sing N N 4   
DA  P     "O5'"  sing N N 5   
DA  OP2   HOP2   sing N N 6   
DA  "O5'" "C5'"  sing N N 7   
DA  "C5'" "C4'"  sing N N 8   
DA  "C5'" "H5'"  sing N N 9   
DA  "C5'" "H5''" sing N N 10  
DA  "C4'" "O4'"  sing N N 11  
DA  "C4'" "C3'"  sing N N 12  
DA  "C4'" "H4'"  sing N N 13  
DA  "O4'" "C1'"  sing N N 14  
DA  "C3'" "O3'"  sing N N 15  
DA  "C3'" "C2'"  sing N N 16  
DA  "C3'" "H3'"  sing N N 17  
DA  "O3'" "HO3'" sing N N 18  
DA  "C2'" "C1'"  sing N N 19  
DA  "C2'" "H2'"  sing N N 20  
DA  "C2'" "H2''" sing N N 21  
DA  "C1'" N9     sing N N 22  
DA  "C1'" "H1'"  sing N N 23  
DA  N9    C8     sing Y N 24  
DA  N9    C4     sing Y N 25  
DA  C8    N7     doub Y N 26  
DA  C8    H8     sing N N 27  
DA  N7    C5     sing Y N 28  
DA  C5    C6     sing Y N 29  
DA  C5    C4     doub Y N 30  
DA  C6    N6     sing N N 31  
DA  C6    N1     doub Y N 32  
DA  N6    H61    sing N N 33  
DA  N6    H62    sing N N 34  
DA  N1    C2     sing Y N 35  
DA  C2    N3     doub Y N 36  
DA  C2    H2     sing N N 37  
DA  N3    C4     sing Y N 38  
DC  OP3   P      sing N N 39  
DC  OP3   HOP3   sing N N 40  
DC  P     OP1    doub N N 41  
DC  P     OP2    sing N N 42  
DC  P     "O5'"  sing N N 43  
DC  OP2   HOP2   sing N N 44  
DC  "O5'" "C5'"  sing N N 45  
DC  "C5'" "C4'"  sing N N 46  
DC  "C5'" "H5'"  sing N N 47  
DC  "C5'" "H5''" sing N N 48  
DC  "C4'" "O4'"  sing N N 49  
DC  "C4'" "C3'"  sing N N 50  
DC  "C4'" "H4'"  sing N N 51  
DC  "O4'" "C1'"  sing N N 52  
DC  "C3'" "O3'"  sing N N 53  
DC  "C3'" "C2'"  sing N N 54  
DC  "C3'" "H3'"  sing N N 55  
DC  "O3'" "HO3'" sing N N 56  
DC  "C2'" "C1'"  sing N N 57  
DC  "C2'" "H2'"  sing N N 58  
DC  "C2'" "H2''" sing N N 59  
DC  "C1'" N1     sing N N 60  
DC  "C1'" "H1'"  sing N N 61  
DC  N1    C2     sing N N 62  
DC  N1    C6     sing N N 63  
DC  C2    O2     doub N N 64  
DC  C2    N3     sing N N 65  
DC  N3    C4     doub N N 66  
DC  C4    N4     sing N N 67  
DC  C4    C5     sing N N 68  
DC  N4    H41    sing N N 69  
DC  N4    H42    sing N N 70  
DC  C5    C6     doub N N 71  
DC  C5    H5     sing N N 72  
DC  C6    H6     sing N N 73  
DG  OP3   P      sing N N 74  
DG  OP3   HOP3   sing N N 75  
DG  P     OP1    doub N N 76  
DG  P     OP2    sing N N 77  
DG  P     "O5'"  sing N N 78  
DG  OP2   HOP2   sing N N 79  
DG  "O5'" "C5'"  sing N N 80  
DG  "C5'" "C4'"  sing N N 81  
DG  "C5'" "H5'"  sing N N 82  
DG  "C5'" "H5''" sing N N 83  
DG  "C4'" "O4'"  sing N N 84  
DG  "C4'" "C3'"  sing N N 85  
DG  "C4'" "H4'"  sing N N 86  
DG  "O4'" "C1'"  sing N N 87  
DG  "C3'" "O3'"  sing N N 88  
DG  "C3'" "C2'"  sing N N 89  
DG  "C3'" "H3'"  sing N N 90  
DG  "O3'" "HO3'" sing N N 91  
DG  "C2'" "C1'"  sing N N 92  
DG  "C2'" "H2'"  sing N N 93  
DG  "C2'" "H2''" sing N N 94  
DG  "C1'" N9     sing N N 95  
DG  "C1'" "H1'"  sing N N 96  
DG  N9    C8     sing Y N 97  
DG  N9    C4     sing Y N 98  
DG  C8    N7     doub Y N 99  
DG  C8    H8     sing N N 100 
DG  N7    C5     sing Y N 101 
DG  C5    C6     sing N N 102 
DG  C5    C4     doub Y N 103 
DG  C6    O6     doub N N 104 
DG  C6    N1     sing N N 105 
DG  N1    C2     sing N N 106 
DG  N1    H1     sing N N 107 
DG  C2    N2     sing N N 108 
DG  C2    N3     doub N N 109 
DG  N2    H21    sing N N 110 
DG  N2    H22    sing N N 111 
DG  N3    C4     sing N N 112 
DT  OP3   P      sing N N 113 
DT  OP3   HOP3   sing N N 114 
DT  P     OP1    doub N N 115 
DT  P     OP2    sing N N 116 
DT  P     "O5'"  sing N N 117 
DT  OP2   HOP2   sing N N 118 
DT  "O5'" "C5'"  sing N N 119 
DT  "C5'" "C4'"  sing N N 120 
DT  "C5'" "H5'"  sing N N 121 
DT  "C5'" "H5''" sing N N 122 
DT  "C4'" "O4'"  sing N N 123 
DT  "C4'" "C3'"  sing N N 124 
DT  "C4'" "H4'"  sing N N 125 
DT  "O4'" "C1'"  sing N N 126 
DT  "C3'" "O3'"  sing N N 127 
DT  "C3'" "C2'"  sing N N 128 
DT  "C3'" "H3'"  sing N N 129 
DT  "O3'" "HO3'" sing N N 130 
DT  "C2'" "C1'"  sing N N 131 
DT  "C2'" "H2'"  sing N N 132 
DT  "C2'" "H2''" sing N N 133 
DT  "C1'" N1     sing N N 134 
DT  "C1'" "H1'"  sing N N 135 
DT  N1    C2     sing N N 136 
DT  N1    C6     sing N N 137 
DT  C2    O2     doub N N 138 
DT  C2    N3     sing N N 139 
DT  N3    C4     sing N N 140 
DT  N3    H3     sing N N 141 
DT  C4    O4     doub N N 142 
DT  C4    C5     sing N N 143 
DT  C5    C7     sing N N 144 
DT  C5    C6     doub N N 145 
DT  C7    H71    sing N N 146 
DT  C7    H72    sing N N 147 
DT  C7    H73    sing N N 148 
DT  C6    H6     sing N N 149 
HOH O     H1     sing N N 150 
HOH O     H2     sing N N 151 
HT1 C1    O1     sing N N 152 
HT1 C1    C2     doub Y N 153 
HT1 C1    C6     sing Y N 154 
HT1 O1    C26    sing N N 155 
HT1 C2    C3     sing Y N 156 
HT1 C2    H2     sing N N 157 
HT1 C3    C4     doub Y N 158 
HT1 C3    H3     sing N N 159 
HT1 C4    C5     sing Y N 160 
HT1 C4    C7     sing Y N 161 
HT1 C5    C6     doub Y N 162 
HT1 C5    H5     sing N N 163 
HT1 C6    H6     sing N N 164 
HT1 C7    N1     sing Y N 165 
HT1 C7    N2     doub Y N 166 
HT1 N1    C8     sing Y N 167 
HT1 N1    HN1    sing N N 168 
HT1 C8    C9     doub Y N 169 
HT1 C8    C13    sing Y N 170 
HT1 C9    N2     sing Y N 171 
HT1 C9    C10    sing Y N 172 
HT1 C10   C11    doub Y N 173 
HT1 C10   H10    sing N N 174 
HT1 C11   C12    sing Y N 175 
HT1 C11   H11    sing N N 176 
HT1 C12   C13    doub Y N 177 
HT1 C12   C14    sing Y N 178 
HT1 C13   H13    sing N N 179 
HT1 C14   N3     sing Y N 180 
HT1 C14   N4     doub Y N 181 
HT1 N3    C15    sing Y N 182 
HT1 N3    HN3    sing N N 183 
HT1 C15   C16    doub Y N 184 
HT1 C15   C20    sing Y N 185 
HT1 C16   N4     sing Y N 186 
HT1 C16   C17    sing Y N 187 
HT1 C17   C18    doub Y N 188 
HT1 C17   H17    sing N N 189 
HT1 C18   C19    sing Y N 190 
HT1 C18   H18    sing N N 191 
HT1 C19   C20    doub Y N 192 
HT1 C19   N5     sing N N 193 
HT1 C20   H20    sing N N 194 
HT1 N5    C21    sing N N 195 
HT1 N5    C24    sing N N 196 
HT1 C21   C22    sing N N 197 
HT1 C21   H211   sing N N 198 
HT1 C21   H212   sing N N 199 
HT1 C22   N6     sing N N 200 
HT1 C22   H221   sing N N 201 
HT1 C22   H222   sing N N 202 
HT1 N6    C23    sing N N 203 
HT1 N6    C25    sing N N 204 
HT1 C23   C24    sing N N 205 
HT1 C23   H231   sing N N 206 
HT1 C23   H232   sing N N 207 
HT1 C24   H241   sing N N 208 
HT1 C24   H242   sing N N 209 
HT1 C25   H251   sing N N 210 
HT1 C25   H252   sing N N 211 
HT1 C25   H253   sing N N 212 
HT1 C26   C27    sing N N 213 
HT1 C26   H261   sing N N 214 
HT1 C26   H262   sing N N 215 
HT1 C27   H271   sing N N 216 
HT1 C27   H272   sing N N 217 
HT1 C27   H273   sing N N 218 
IGU P     OP1    doub N N 219 
IGU P     OP2    sing N N 220 
IGU P     OP3    sing N N 221 
IGU P     "O5'"  sing N N 222 
IGU OP2   HOP2   sing N N 223 
IGU OP3   HOP3   sing N N 224 
IGU "O5'" "C5'"  sing N N 225 
IGU "C5'" "C4'"  sing N N 226 
IGU "C5'" "H5'"  sing N N 227 
IGU "C5'" "H5''" sing N N 228 
IGU "C4'" "O4'"  sing N N 229 
IGU "C4'" "C3'"  sing N N 230 
IGU "C4'" "H4'"  sing N N 231 
IGU "O4'" "C1'"  sing N N 232 
IGU "C3'" "O3'"  sing N N 233 
IGU "C3'" "C2'"  sing N N 234 
IGU "C3'" "H3'"  sing N N 235 
IGU "O3'" "HO3'" sing N N 236 
IGU "C2'" "C1'"  sing N N 237 
IGU "C2'" "H2'"  sing N N 238 
IGU "C2'" "H2''" sing N N 239 
IGU "C1'" N9     sing N N 240 
IGU "C1'" "H1'"  sing N N 241 
IGU N9    C8     sing N N 242 
IGU N9    C4     sing N N 243 
IGU C8    N7     doub N N 244 
IGU C8    H8     sing N N 245 
IGU N7    C5     sing N N 246 
IGU C6    N6     sing N N 247 
IGU C6    C5     doub N N 248 
IGU C6    N1     sing N N 249 
IGU N6    HN61   sing N N 250 
IGU N6    HN62   sing N N 251 
IGU C5    C4     sing N N 252 
IGU N1    C2     sing N N 253 
IGU C2    O2     doub N N 254 
IGU C2    N3     sing N N 255 
IGU N3    C4     doub N N 256 
IGU N1    HN1    sing N N 257 
# 
loop_
_ndb_struct_conf_na.entry_id 
_ndb_struct_conf_na.feature 
403D 'double helix'         
403D 'b-form double helix'  
403D 'mismatched base pair' 
# 
loop_
_ndb_struct_na_base_pair.model_number 
_ndb_struct_na_base_pair.i_label_asym_id 
_ndb_struct_na_base_pair.i_label_comp_id 
_ndb_struct_na_base_pair.i_label_seq_id 
_ndb_struct_na_base_pair.i_symmetry 
_ndb_struct_na_base_pair.j_label_asym_id 
_ndb_struct_na_base_pair.j_label_comp_id 
_ndb_struct_na_base_pair.j_label_seq_id 
_ndb_struct_na_base_pair.j_symmetry 
_ndb_struct_na_base_pair.shear 
_ndb_struct_na_base_pair.stretch 
_ndb_struct_na_base_pair.stagger 
_ndb_struct_na_base_pair.buckle 
_ndb_struct_na_base_pair.propeller 
_ndb_struct_na_base_pair.opening 
_ndb_struct_na_base_pair.pair_number 
_ndb_struct_na_base_pair.pair_name 
_ndb_struct_na_base_pair.i_auth_asym_id 
_ndb_struct_na_base_pair.i_auth_seq_id 
_ndb_struct_na_base_pair.i_PDB_ins_code 
_ndb_struct_na_base_pair.j_auth_asym_id 
_ndb_struct_na_base_pair.j_auth_seq_id 
_ndb_struct_na_base_pair.j_PDB_ins_code 
_ndb_struct_na_base_pair.hbond_type_28 
_ndb_struct_na_base_pair.hbond_type_12 
1 A DC 1  1_555 B DG  12 1_555 0.172  -0.244 0.086  -0.407  -11.453 -3.207 1  A_DC1:DG24_B  A 1  ? B 24 ? 19 1 
1 A DG 2  1_555 B DC  11 1_555 -0.255 -0.108 -0.121 -12.093 -15.990 -1.256 2  A_DG2:DC23_B  A 2  ? B 23 ? 19 1 
1 A DC 3  1_555 B DG  10 1_555 0.046  -0.183 0.005  -6.852  -4.206  1.628  3  A_DC3:DG22_B  A 3  ? B 22 ? 19 1 
1 A DA 5  1_555 B DT  8  1_555 0.255  -0.127 -0.126 4.946   -18.626 7.704  4  A_DA5:DT20_B  A 5  ? B 20 ? 20 1 
1 A DA 6  1_555 B DT  7  1_555 -0.116 -0.151 0.092  -0.469  -20.982 8.543  5  A_DA6:DT19_B  A 6  ? B 19 ? 20 1 
1 A DT 7  1_555 B DA  6  1_555 -0.058 -0.132 -0.074 -2.912  -21.667 5.210  6  A_DT7:DA18_B  A 7  ? B 18 ? 20 1 
1 A DT 8  1_555 B DA  5  1_555 -0.064 -0.154 -0.023 -9.201  -13.928 2.077  7  A_DT8:DA17_B  A 8  ? B 17 ? 20 1 
1 A DT 9  1_555 B IGU 4  1_555 -2.024 -0.171 -0.148 -7.997  -15.385 -3.740 8  A_DT9:IGU16_B A 9  ? B 16 ? ?  ? 
1 A DG 10 1_555 B DC  3  1_555 -0.287 -0.250 -0.038 -5.475  -4.965  1.580  9  A_DG10:DC15_B A 10 ? B 15 ? 19 1 
1 A DC 11 1_555 B DG  2  1_555 0.377  -0.305 0.402  -2.381  -13.930 0.228  10 A_DC11:DG14_B A 11 ? B 14 ? 19 1 
1 A DG 12 1_555 B DC  1  1_555 -0.132 0.078  0.106  -4.093  -8.163  4.177  11 A_DG12:DC13_B A 12 ? B 13 ? 19 1 
# 
loop_
_ndb_struct_na_base_pair_step.model_number 
_ndb_struct_na_base_pair_step.i_label_asym_id_1 
_ndb_struct_na_base_pair_step.i_label_comp_id_1 
_ndb_struct_na_base_pair_step.i_label_seq_id_1 
_ndb_struct_na_base_pair_step.i_symmetry_1 
_ndb_struct_na_base_pair_step.j_label_asym_id_1 
_ndb_struct_na_base_pair_step.j_label_comp_id_1 
_ndb_struct_na_base_pair_step.j_label_seq_id_1 
_ndb_struct_na_base_pair_step.j_symmetry_1 
_ndb_struct_na_base_pair_step.i_label_asym_id_2 
_ndb_struct_na_base_pair_step.i_label_comp_id_2 
_ndb_struct_na_base_pair_step.i_label_seq_id_2 
_ndb_struct_na_base_pair_step.i_symmetry_2 
_ndb_struct_na_base_pair_step.j_label_asym_id_2 
_ndb_struct_na_base_pair_step.j_label_comp_id_2 
_ndb_struct_na_base_pair_step.j_label_seq_id_2 
_ndb_struct_na_base_pair_step.j_symmetry_2 
_ndb_struct_na_base_pair_step.shift 
_ndb_struct_na_base_pair_step.slide 
_ndb_struct_na_base_pair_step.rise 
_ndb_struct_na_base_pair_step.tilt 
_ndb_struct_na_base_pair_step.roll 
_ndb_struct_na_base_pair_step.twist 
_ndb_struct_na_base_pair_step.x_displacement 
_ndb_struct_na_base_pair_step.y_displacement 
_ndb_struct_na_base_pair_step.helical_rise 
_ndb_struct_na_base_pair_step.inclination 
_ndb_struct_na_base_pair_step.tip 
_ndb_struct_na_base_pair_step.helical_twist 
_ndb_struct_na_base_pair_step.step_number 
_ndb_struct_na_base_pair_step.step_name 
_ndb_struct_na_base_pair_step.i_auth_asym_id_1 
_ndb_struct_na_base_pair_step.i_auth_seq_id_1 
_ndb_struct_na_base_pair_step.i_PDB_ins_code_1 
_ndb_struct_na_base_pair_step.j_auth_asym_id_1 
_ndb_struct_na_base_pair_step.j_auth_seq_id_1 
_ndb_struct_na_base_pair_step.j_PDB_ins_code_1 
_ndb_struct_na_base_pair_step.i_auth_asym_id_2 
_ndb_struct_na_base_pair_step.i_auth_seq_id_2 
_ndb_struct_na_base_pair_step.i_PDB_ins_code_2 
_ndb_struct_na_base_pair_step.j_auth_asym_id_2 
_ndb_struct_na_base_pair_step.j_auth_seq_id_2 
_ndb_struct_na_base_pair_step.j_PDB_ins_code_2 
1 A DC 1  1_555 B DG  12 1_555 A DG 2  1_555 B DC  11 1_555 0.464  0.268  3.560 2.820  7.155  34.227 -0.740 -0.303 3.568 11.970  
-4.718 35.056 1  AA_DC1DG2:DC23DG24_BB   A 1  ? B 24 ? A 2  ? B 23 ? 
1 A DG 2  1_555 B DC  11 1_555 A DC 3  1_555 B DG  10 1_555 1.154  0.330  3.121 0.583  -1.733 39.307 0.686  -1.648 3.120 -2.575  
-0.866 39.348 2  AA_DG2DC3:DG22DC23_BB   A 2  ? B 23 ? A 3  ? B 22 ? 
1 A DC 3  1_555 B DG  10 1_555 A DA 5  1_555 B DT  8  1_555 -0.272 1.063  6.414 2.633  5.108  67.172 0.569  0.445  6.458 4.608   
-2.375 67.388 3  AA_DC3DA5:DT20DG22_BB   A 3  ? B 22 ? A 5  ? B 20 ? 
1 A DA 5  1_555 B DT  8  1_555 A DA 6  1_555 B DT  7  1_555 0.241  -0.124 3.305 -3.229 2.500  35.013 -0.578 -0.880 3.254 4.138   
5.345  35.243 4  AA_DA5DA6:DT19DT20_BB   A 5  ? B 20 ? A 6  ? B 19 ? 
1 A DA 6  1_555 B DT  7  1_555 A DT 7  1_555 B DA  6  1_555 -0.028 -0.547 3.228 1.113  0.872  33.545 -1.088 0.229  3.211 1.510   
-1.928 33.574 5  AA_DA6DT7:DA18DT19_BB   A 6  ? B 19 ? A 7  ? B 18 ? 
1 A DT 7  1_555 B DA  6  1_555 A DT 8  1_555 B DA  5  1_555 -0.159 -0.297 3.385 1.766  2.382  34.503 -0.876 0.547  3.346 4.006   
-2.970 34.626 6  AA_DT7DT8:DA17DA18_BB   A 7  ? B 18 ? A 8  ? B 17 ? 
1 A DT 8  1_555 B DA  5  1_555 A DT 9  1_555 B IGU 4  1_555 0.106  0.511  3.217 2.803  -5.040 35.494 1.529  0.218  3.117 -8.200  
-4.560 35.944 7  AA_DT8DT9:IGU16DA17_BB  A 8  ? B 17 ? A 9  ? B 16 ? 
1 A DT 9  1_555 B IGU 4  1_555 A DG 10 1_555 B DC  3  1_555 0.249  0.772  3.458 -3.343 6.054  32.970 0.273  -1.016 3.500 10.523  
5.811  33.668 8  AA_DT9DG10:DC15IGU16_BB A 9  ? B 16 ? A 10 ? B 15 ? 
1 A DG 10 1_555 B DC  3  1_555 A DC 11 1_555 B DG  2  1_555 -0.653 0.854  3.279 -3.450 -8.718 44.142 1.887  0.546  3.105 -11.447 
4.529  45.077 9  AA_DG10DC11:DG14DC15_BB A 10 ? B 15 ? A 11 ? B 14 ? 
1 A DC 11 1_555 B DG  2  1_555 A DG 12 1_555 B DC  1  1_555 0.099  0.585  3.351 3.105  1.472  34.651 0.747  0.322  3.368 2.464   
-5.196 34.816 10 AA_DC11DG12:DC13DG14_BB A 11 ? B 14 ? A 12 ? B 13 ? 
# 
_atom_sites.entry_id                    403D 
_atom_sites.Cartn_transform_axes        ? 
_atom_sites.fract_transf_matrix[1][1]   0.01105455 
_atom_sites.fract_transf_matrix[1][2]   0.00846734 
_atom_sites.fract_transf_matrix[1][3]   0.03623770 
_atom_sites.fract_transf_matrix[2][1]   -0.01834871 
_atom_sites.fract_transf_matrix[2][2]   -0.01340047 
_atom_sites.fract_transf_matrix[2][3]   0.00872857 
_atom_sites.fract_transf_matrix[3][1]   0.00920769 
_atom_sites.fract_transf_matrix[3][2]   -0.01253023 
_atom_sites.fract_transf_matrix[3][3]   0.00011896 
_atom_sites.fract_transf_vector[1]      0.061111 
_atom_sites.fract_transf_vector[2]      0.536975 
_atom_sites.fract_transf_vector[3]      0.624039 
# 
loop_
_atom_type.symbol 
C  
MG 
N  
O  
P  
# 
loop_
_atom_site.group_PDB 
_atom_site.id 
_atom_site.type_symbol 
_atom_site.label_atom_id 
_atom_site.label_alt_id 
_atom_site.label_comp_id 
_atom_site.label_asym_id 
_atom_site.label_entity_id 
_atom_site.label_seq_id 
_atom_site.pdbx_PDB_ins_code 
_atom_site.Cartn_x 
_atom_site.Cartn_y 
_atom_site.Cartn_z 
_atom_site.occupancy 
_atom_site.B_iso_or_equiv 
_atom_site.pdbx_formal_charge 
_atom_site.auth_seq_id 
_atom_site.auth_comp_id 
_atom_site.auth_asym_id 
_atom_site.auth_atom_id 
_atom_site.pdbx_PDB_model_num 
ATOM   1   O  "O5'" . DC  A 1 1  ? 0.256   -19.184 11.033  1.00 20.62 ? 1    DC  A "O5'" 1 
ATOM   2   C  "C5'" . DC  A 1 1  ? 1.118   -18.870 9.934   1.00 24.22 ? 1    DC  A "C5'" 1 
ATOM   3   C  "C4'" . DC  A 1 1  ? 1.969   -17.686 10.270  1.00 18.49 ? 1    DC  A "C4'" 1 
ATOM   4   O  "O4'" . DC  A 1 1  ? 2.954   -17.417 9.278   1.00 16.54 ? 1    DC  A "O4'" 1 
ATOM   5   C  "C3'" . DC  A 1 1  ? 1.280   -16.365 10.606  1.00 17.35 ? 1    DC  A "C3'" 1 
ATOM   6   O  "O3'" . DC  A 1 1  ? 1.931   -15.953 11.822  1.00 19.09 ? 1    DC  A "O3'" 1 
ATOM   7   C  "C2'" . DC  A 1 1  ? 1.650   -15.450 9.449   1.00 14.58 ? 1    DC  A "C2'" 1 
ATOM   8   C  "C1'" . DC  A 1 1  ? 2.920   -16.052 8.891   1.00 15.68 ? 1    DC  A "C1'" 1 
ATOM   9   N  N1    . DC  A 1 1  ? 3.217   -16.045 7.452   1.00 12.14 ? 1    DC  A N1    1 
ATOM   10  C  C2    . DC  A 1 1  ? 4.545   -15.812 7.053   1.00 17.40 ? 1    DC  A C2    1 
ATOM   11  O  O2    . DC  A 1 1  ? 5.399   -15.531 7.911   1.00 20.40 ? 1    DC  A O2    1 
ATOM   12  N  N3    . DC  A 1 1  ? 4.867   -15.923 5.741   1.00 14.39 ? 1    DC  A N3    1 
ATOM   13  C  C4    . DC  A 1 1  ? 3.901   -16.154 4.850   1.00 13.71 ? 1    DC  A C4    1 
ATOM   14  N  N4    . DC  A 1 1  ? 4.255   -16.308 3.569   1.00 13.46 ? 1    DC  A N4    1 
ATOM   15  C  C5    . DC  A 1 1  ? 2.555   -16.447 5.230   1.00 17.83 ? 1    DC  A C5    1 
ATOM   16  C  C6    . DC  A 1 1  ? 2.266   -16.366 6.532   1.00 13.61 ? 1    DC  A C6    1 
ATOM   17  P  P     . DG  A 1 2  ? 1.515   -14.568 12.511  1.00 28.73 ? 2    DG  A P     1 
ATOM   18  O  OP1   . DG  A 1 2  ? 1.845   -14.601 13.960  1.00 35.57 ? 2    DG  A OP1   1 
ATOM   19  O  OP2   . DG  A 1 2  ? 0.166   -14.167 12.074  1.00 29.03 ? 2    DG  A OP2   1 
ATOM   20  O  "O5'" . DG  A 1 2  ? 2.529   -13.512 11.843  1.00 19.91 ? 2    DG  A "O5'" 1 
ATOM   21  C  "C5'" . DG  A 1 2  ? 3.873   -13.448 12.334  1.00 25.15 ? 2    DG  A "C5'" 1 
ATOM   22  C  "C4'" . DG  A 1 2  ? 4.654   -12.480 11.471  1.00 27.44 ? 2    DG  A "C4'" 1 
ATOM   23  O  "O4'" . DG  A 1 2  ? 4.521   -12.884 10.080  1.00 20.55 ? 2    DG  A "O4'" 1 
ATOM   24  C  "C3'" . DG  A 1 2  ? 4.046   -11.069 11.527  1.00 22.82 ? 2    DG  A "C3'" 1 
ATOM   25  O  "O3'" . DG  A 1 2  ? 5.040   -10.290 12.214  1.00 18.74 ? 2    DG  A "O3'" 1 
ATOM   26  C  "C2'" . DG  A 1 2  ? 3.958   -10.628 10.079  1.00 16.05 ? 2    DG  A "C2'" 1 
ATOM   27  C  "C1'" . DG  A 1 2  ? 4.728   -11.685 9.325   1.00 17.35 ? 2    DG  A "C1'" 1 
ATOM   28  N  N9    . DG  A 1 2  ? 4.162   -12.064 8.043   1.00 12.84 ? 2    DG  A N9    1 
ATOM   29  C  C8    . DG  A 1 2  ? 2.867   -12.411 7.771   1.00 14.40 ? 2    DG  A C8    1 
ATOM   30  N  N7    . DG  A 1 2  ? 2.701   -12.706 6.505   1.00 16.97 ? 2    DG  A N7    1 
ATOM   31  C  C5    . DG  A 1 2  ? 3.945   -12.501 5.918   1.00 15.50 ? 2    DG  A C5    1 
ATOM   32  C  C6    . DG  A 1 2  ? 4.355   -12.607 4.573   1.00 10.31 ? 2    DG  A C6    1 
ATOM   33  O  O6    . DG  A 1 2  ? 3.697   -12.955 3.468   1.00 15.77 ? 2    DG  A O6    1 
ATOM   34  N  N1    . DG  A 1 2  ? 5.709   -12.313 4.442   1.00 11.59 ? 2    DG  A N1    1 
ATOM   35  C  C2    . DG  A 1 2  ? 6.538   -11.945 5.460   1.00 13.54 ? 2    DG  A C2    1 
ATOM   36  N  N2    . DG  A 1 2  ? 7.801   -11.706 5.070   1.00 19.78 ? 2    DG  A N2    1 
ATOM   37  N  N3    . DG  A 1 2  ? 6.172   -11.834 6.734   1.00 21.77 ? 2    DG  A N3    1 
ATOM   38  C  C4    . DG  A 1 2  ? 4.883   -12.194 6.880   1.00 17.53 ? 2    DG  A C4    1 
ATOM   39  P  P     . DC  A 1 3  ? 4.756   -8.734  12.522  1.00 26.07 ? 3    DC  A P     1 
ATOM   40  O  OP1   . DC  A 1 3  ? 5.569   -8.387  13.716  1.00 23.99 ? 3    DC  A OP1   1 
ATOM   41  O  OP2   . DC  A 1 3  ? 3.318   -8.462  12.509  1.00 26.02 ? 3    DC  A OP2   1 
ATOM   42  O  "O5'" . DC  A 1 3  ? 5.399   -8.034  11.236  1.00 25.30 ? 3    DC  A "O5'" 1 
ATOM   43  C  "C5'" . DC  A 1 3  ? 6.775   -8.313  10.920  1.00 23.50 ? 3    DC  A "C5'" 1 
ATOM   44  C  "C4'" . DC  A 1 3  ? 7.055   -7.959  9.493   1.00 17.42 ? 3    DC  A "C4'" 1 
ATOM   45  O  "O4'" . DC  A 1 3  ? 6.331   -8.842  8.600   1.00 24.82 ? 3    DC  A "O4'" 1 
ATOM   46  C  "C3'" . DC  A 1 3  ? 6.668   -6.554  9.029   1.00 21.86 ? 3    DC  A "C3'" 1 
ATOM   47  O  "O3'" . DC  A 1 3  ? 7.728   -5.656  9.350   1.00 26.69 ? 3    DC  A "O3'" 1 
ATOM   48  C  "C2'" . DC  A 1 3  ? 6.720   -6.766  7.515   1.00 23.07 ? 3    DC  A "C2'" 1 
ATOM   49  C  "C1'" . DC  A 1 3  ? 6.342   -8.215  7.325   1.00 23.85 ? 3    DC  A "C1'" 1 
ATOM   50  N  N1    . DC  A 1 3  ? 5.066   -8.462  6.661   1.00 16.35 ? 3    DC  A N1    1 
ATOM   51  C  C2    . DC  A 1 3  ? 5.087   -8.805  5.314   1.00 18.20 ? 3    DC  A C2    1 
ATOM   52  O  O2    . DC  A 1 3  ? 6.146   -8.729  4.665   1.00 22.06 ? 3    DC  A O2    1 
ATOM   53  N  N3    . DC  A 1 3  ? 3.956   -9.255  4.734   1.00 15.27 ? 3    DC  A N3    1 
ATOM   54  C  C4    . DC  A 1 3  ? 2.821   -9.284  5.440   1.00 22.56 ? 3    DC  A C4    1 
ATOM   55  N  N4    . DC  A 1 3  ? 1.728   -9.719  4.787   1.00 25.00 ? 3    DC  A N4    1 
ATOM   56  C  C5    . DC  A 1 3  ? 2.767   -8.930  6.813   1.00 23.63 ? 3    DC  A C5    1 
ATOM   57  C  C6    . DC  A 1 3  ? 3.903   -8.483  7.377   1.00 24.17 ? 3    DC  A C6    1 
HETATM 58  P  P     . IGU A 1 4  ? 7.707   -4.070  9.238   1.00 29.08 ? 4    IGU A P     1 
HETATM 59  O  OP1   . IGU A 1 4  ? 8.702   -3.547  10.209  1.00 34.42 ? 4    IGU A OP1   1 
HETATM 60  O  OP2   . IGU A 1 4  ? 6.320   -3.570  9.267   1.00 32.27 ? 4    IGU A OP2   1 
HETATM 61  O  "O5'" . IGU A 1 4  ? 8.301   -3.792  7.776   1.00 23.71 ? 4    IGU A "O5'" 1 
HETATM 62  C  "C5'" . IGU A 1 4  ? 9.557   -4.435  7.439   1.00 25.31 ? 4    IGU A "C5'" 1 
HETATM 63  C  "C4'" . IGU A 1 4  ? 9.872   -4.149  5.990   1.00 34.13 ? 4    IGU A "C4'" 1 
HETATM 64  O  "O4'" . IGU A 1 4  ? 8.952   -4.843  5.113   1.00 33.98 ? 4    IGU A "O4'" 1 
HETATM 65  C  "C3'" . IGU A 1 4  ? 9.778   -2.672  5.583   1.00 32.57 ? 4    IGU A "C3'" 1 
HETATM 66  O  "O3'" . IGU A 1 4  ? 10.731  -2.466  4.540   1.00 26.17 ? 4    IGU A "O3'" 1 
HETATM 67  C  "C2'" . IGU A 1 4  ? 8.357   -2.557  5.067   1.00 34.23 ? 4    IGU A "C2'" 1 
HETATM 68  C  "C1'" . IGU A 1 4  ? 8.083   -3.926  4.477   1.00 28.48 ? 4    IGU A "C1'" 1 
HETATM 69  N  N9    . IGU A 1 4  ? 6.695   -4.382  4.519   1.00 21.64 ? 4    IGU A N9    1 
HETATM 70  C  C8    . IGU A 1 4  ? 5.762   -4.025  5.473   1.00 13.32 ? 4    IGU A C8    1 
HETATM 71  N  N7    . IGU A 1 4  ? 4.634   -4.626  5.329   1.00 18.93 ? 4    IGU A N7    1 
HETATM 72  C  C6    . IGU A 1 4  ? 3.906   -6.019  3.259   1.00 15.53 ? 4    IGU A C6    1 
HETATM 73  N  N6    . IGU A 1 4  ? 2.621   -6.293  3.498   1.00 16.86 ? 4    IGU A N6    1 
HETATM 74  C  C5    . IGU A 1 4  ? 4.739   -5.267  4.098   1.00 16.68 ? 4    IGU A C5    1 
HETATM 75  N  N1    . IGU A 1 4  ? 4.429   -6.505  2.134   1.00 12.73 ? 4    IGU A N1    1 
HETATM 76  C  C2    . IGU A 1 4  ? 5.690   -6.264  1.834   1.00 13.62 ? 4    IGU A C2    1 
HETATM 77  O  O2    . IGU A 1 4  ? 6.118   -6.789  0.689   1.00 21.13 ? 4    IGU A O2    1 
HETATM 78  N  N3    . IGU A 1 4  ? 6.573   -5.596  2.534   1.00 21.17 ? 4    IGU A N3    1 
HETATM 79  C  C4    . IGU A 1 4  ? 6.016   -5.153  3.638   1.00 19.14 ? 4    IGU A C4    1 
ATOM   80  P  P     . DA  A 1 5  ? 10.742  -1.228  3.529   1.00 26.44 ? 5    DA  A P     1 
ATOM   81  O  OP1   . DA  A 1 5  ? 12.165  -0.951  3.180   1.00 32.56 ? 5    DA  A OP1   1 
ATOM   82  O  OP2   . DA  A 1 5  ? 9.788   -0.209  3.985   1.00 22.17 ? 5    DA  A OP2   1 
ATOM   83  O  "O5'" . DA  A 1 5  ? 10.108  -1.812  2.182   1.00 17.30 ? 5    DA  A "O5'" 1 
ATOM   84  C  "C5'" . DA  A 1 5  ? 10.762  -2.909  1.510   1.00 17.62 ? 5    DA  A "C5'" 1 
ATOM   85  C  "C4'" . DA  A 1 5  ? 9.962   -3.110  0.238   1.00 14.88 ? 5    DA  A "C4'" 1 
ATOM   86  O  "O4'" . DA  A 1 5  ? 8.582   -3.405  0.543   1.00 14.43 ? 5    DA  A "O4'" 1 
ATOM   87  C  "C3'" . DA  A 1 5  ? 9.957   -1.795  -0.574  1.00 20.70 ? 5    DA  A "C3'" 1 
ATOM   88  O  "O3'" . DA  A 1 5  ? 10.181  -2.241  -1.918  1.00 12.80 ? 5    DA  A "O3'" 1 
ATOM   89  C  "C2'" . DA  A 1 5  ? 8.544   -1.275  -0.371  1.00 17.95 ? 5    DA  A "C2'" 1 
ATOM   90  C  "C1'" . DA  A 1 5  ? 7.712   -2.547  -0.210  1.00 12.00 ? 5    DA  A "C1'" 1 
ATOM   91  N  N9    . DA  A 1 5  ? 6.576   -2.385  0.701   1.00 12.63 ? 5    DA  A N9    1 
ATOM   92  C  C8    . DA  A 1 5  ? 6.544   -1.629  1.859   1.00 14.24 ? 5    DA  A C8    1 
ATOM   93  N  N7    . DA  A 1 5  ? 5.465   -1.830  2.590   1.00 13.93 ? 5    DA  A N7    1 
ATOM   94  C  C5    . DA  A 1 5  ? 4.684   -2.626  1.763   1.00 12.91 ? 5    DA  A C5    1 
ATOM   95  C  C6    . DA  A 1 5  ? 3.334   -3.025  1.849   1.00 10.10 ? 5    DA  A C6    1 
ATOM   96  N  N6    . DA  A 1 5  ? 2.578   -2.804  2.924   1.00 11.07 ? 5    DA  A N6    1 
ATOM   97  N  N1    . DA  A 1 5  ? 2.856   -3.755  0.821   1.00 15.07 ? 5    DA  A N1    1 
ATOM   98  C  C2    . DA  A 1 5  ? 3.616   -4.038  -0.249  1.00 11.23 ? 5    DA  A C2    1 
ATOM   99  N  N3    . DA  A 1 5  ? 4.886   -3.658  -0.457  1.00 11.82 ? 5    DA  A N3    1 
ATOM   100 C  C4    . DA  A 1 5  ? 5.338   -2.948  0.591   1.00 13.22 ? 5    DA  A C4    1 
ATOM   101 P  P     . DA  A 1 6  ? 10.136  -1.281  -3.184  1.00 15.09 ? 6    DA  A P     1 
ATOM   102 O  OP1   . DA  A 1 6  ? 10.940  -1.955  -4.215  1.00 15.65 ? 6    DA  A OP1   1 
ATOM   103 O  OP2   . DA  A 1 6  ? 10.330  0.099   -2.721  1.00 17.15 ? 6    DA  A OP2   1 
ATOM   104 O  "O5'" . DA  A 1 6  ? 8.601   -1.327  -3.687  1.00 14.09 ? 6    DA  A "O5'" 1 
ATOM   105 C  "C5'" . DA  A 1 6  ? 8.263   -2.523  -4.443  1.00 12.25 ? 6    DA  A "C5'" 1 
ATOM   106 C  "C4'" . DA  A 1 6  ? 6.778   -2.368  -4.753  1.00 16.09 ? 6    DA  A "C4'" 1 
ATOM   107 O  "O4'" . DA  A 1 6  ? 6.044   -2.203  -3.535  1.00 15.58 ? 6    DA  A "O4'" 1 
ATOM   108 C  "C3'" . DA  A 1 6  ? 6.520   -1.109  -5.573  1.00 14.18 ? 6    DA  A "C3'" 1 
ATOM   109 O  "O3'" . DA  A 1 6  ? 5.957   -1.526  -6.824  1.00 13.66 ? 6    DA  A "O3'" 1 
ATOM   110 C  "C2'" . DA  A 1 6  ? 5.606   -0.292  -4.713  1.00 16.50 ? 6    DA  A "C2'" 1 
ATOM   111 C  "C1'" . DA  A 1 6  ? 4.995   -1.268  -3.738  1.00 10.72 ? 6    DA  A "C1'" 1 
ATOM   112 N  N9    . DA  A 1 6  ? 4.568   -0.715  -2.459  1.00 13.31 ? 6    DA  A N9    1 
ATOM   113 C  C8    . DA  A 1 6  ? 5.312   0.054   -1.582  1.00 9.13  ? 6    DA  A C8    1 
ATOM   114 N  N7    . DA  A 1 6  ? 4.694   0.282   -0.458  1.00 13.70 ? 6    DA  A N7    1 
ATOM   115 C  C5    . DA  A 1 6  ? 3.425   -0.214  -0.625  1.00 9.60  ? 6    DA  A C5    1 
ATOM   116 C  C6    . DA  A 1 6  ? 2.331   -0.278  0.249   1.00 10.73 ? 6    DA  A C6    1 
ATOM   117 N  N6    . DA  A 1 6  ? 2.291   0.241   1.487   1.00 11.62 ? 6    DA  A N6    1 
ATOM   118 N  N1    . DA  A 1 6  ? 1.253   -0.935  -0.204  1.00 13.00 ? 6    DA  A N1    1 
ATOM   119 C  C2    . DA  A 1 6  ? 1.315   -1.495  -1.411  1.00 13.32 ? 6    DA  A C2    1 
ATOM   120 N  N3    . DA  A 1 6  ? 2.297   -1.540  -2.310  1.00 13.24 ? 6    DA  A N3    1 
ATOM   121 C  C4    . DA  A 1 6  ? 3.360   -0.885  -1.832  1.00 14.13 ? 6    DA  A C4    1 
ATOM   122 P  P     . DT  A 1 7  ? 5.602   -0.463  -7.991  1.00 16.26 ? 7    DT  A P     1 
ATOM   123 O  OP1   . DT  A 1 7  ? 5.782   -1.223  -9.235  1.00 17.50 ? 7    DT  A OP1   1 
ATOM   124 O  OP2   . DT  A 1 7  ? 6.288   0.821   -7.729  1.00 17.44 ? 7    DT  A OP2   1 
ATOM   125 O  "O5'" . DT  A 1 7  ? 4.049   -0.149  -7.728  1.00 12.22 ? 7    DT  A "O5'" 1 
ATOM   126 C  "C5'" . DT  A 1 7  ? 3.108   -1.228  -7.664  1.00 11.99 ? 7    DT  A "C5'" 1 
ATOM   127 C  "C4'" . DT  A 1 7  ? 1.833   -0.791  -7.000  1.00 8.24  ? 7    DT  A "C4'" 1 
ATOM   128 O  "O4'" . DT  A 1 7  ? 2.093   -0.374  -5.634  1.00 11.62 ? 7    DT  A "O4'" 1 
ATOM   129 C  "C3'" . DT  A 1 7  ? 1.188   0.424   -7.691  1.00 6.51  ? 7    DT  A "C3'" 1 
ATOM   130 O  "O3'" . DT  A 1 7  ? 0.035   -0.086  -8.356  1.00 12.36 ? 7    DT  A "O3'" 1 
ATOM   131 C  "C2'" . DT  A 1 7  ? 0.763   1.301   -6.545  1.00 5.67  ? 7    DT  A "C2'" 1 
ATOM   132 C  "C1'" . DT  A 1 7  ? 0.944   0.425   -5.313  1.00 12.46 ? 7    DT  A "C1'" 1 
ATOM   133 N  N1    . DT  A 1 7  ? 1.214   1.233   -4.119  1.00 14.14 ? 7    DT  A N1    1 
ATOM   134 C  C2    . DT  A 1 7  ? 0.323   1.282   -3.094  1.00 18.09 ? 7    DT  A C2    1 
ATOM   135 O  O2    . DT  A 1 7  ? -0.781  0.787   -3.100  1.00 14.94 ? 7    DT  A O2    1 
ATOM   136 N  N3    . DT  A 1 7  ? 0.792   1.833   -1.930  1.00 14.15 ? 7    DT  A N3    1 
ATOM   137 C  C4    . DT  A 1 7  ? 1.970   2.559   -1.775  1.00 11.55 ? 7    DT  A C4    1 
ATOM   138 O  O4    . DT  A 1 7  ? 2.159   3.121   -0.707  1.00 14.00 ? 7    DT  A O4    1 
ATOM   139 C  C5    . DT  A 1 7  ? 2.791   2.603   -2.962  1.00 9.76  ? 7    DT  A C5    1 
ATOM   140 C  C7    . DT  A 1 7  ? 4.190   3.203   -2.854  1.00 16.81 ? 7    DT  A C7    1 
ATOM   141 C  C6    . DT  A 1 7  ? 2.472   1.803   -3.980  1.00 14.26 ? 7    DT  A C6    1 
ATOM   142 P  P     . DT  A 1 8  ? -0.837  0.766   -9.397  1.00 18.16 ? 8    DT  A P     1 
ATOM   143 O  OP1   . DT  A 1 8  ? -1.438  -0.285  -10.240 1.00 19.30 ? 8    DT  A OP1   1 
ATOM   144 O  OP2   . DT  A 1 8  ? -0.102  1.939   -9.861  1.00 25.99 ? 8    DT  A OP2   1 
ATOM   145 O  "O5'" . DT  A 1 8  ? -1.974  1.365   -8.446  1.00 14.57 ? 8    DT  A "O5'" 1 
ATOM   146 C  "C5'" . DT  A 1 8  ? -2.809  0.443   -7.692  1.00 14.20 ? 8    DT  A "C5'" 1 
ATOM   147 C  "C4'" . DT  A 1 8  ? -3.713  1.244   -6.799  1.00 16.84 ? 8    DT  A "C4'" 1 
ATOM   148 O  "O4'" . DT  A 1 8  ? -2.975  1.741   -5.676  1.00 16.60 ? 8    DT  A "O4'" 1 
ATOM   149 C  "C3'" . DT  A 1 8  ? -4.321  2.512   -7.417  1.00 19.36 ? 8    DT  A "C3'" 1 
ATOM   150 O  "O3'" . DT  A 1 8  ? -5.716  2.215   -7.424  1.00 23.22 ? 8    DT  A "O3'" 1 
ATOM   151 C  "C2'" . DT  A 1 8  ? -4.127  3.634   -6.411  1.00 12.36 ? 8    DT  A "C2'" 1 
ATOM   152 C  "C1'" . DT  A 1 8  ? -3.573  2.931   -5.193  1.00 19.29 ? 8    DT  A "C1'" 1 
ATOM   153 N  N1    . DT  A 1 8  ? -2.522  3.717   -4.513  1.00 19.18 ? 8    DT  A N1    1 
ATOM   154 C  C2    . DT  A 1 8  ? -2.770  4.024   -3.207  1.00 18.95 ? 8    DT  A C2    1 
ATOM   155 O  O2    . DT  A 1 8  ? -3.825  3.740   -2.671  1.00 15.47 ? 8    DT  A O2    1 
ATOM   156 N  N3    . DT  A 1 8  ? -1.710  4.591   -2.554  1.00 15.78 ? 8    DT  A N3    1 
ATOM   157 C  C4    . DT  A 1 8  ? -0.510  4.987   -3.135  1.00 12.38 ? 8    DT  A C4    1 
ATOM   158 O  O4    . DT  A 1 8  ? 0.318   5.553   -2.447  1.00 15.02 ? 8    DT  A O4    1 
ATOM   159 C  C5    . DT  A 1 8  ? -0.339  4.688   -4.528  1.00 17.18 ? 8    DT  A C5    1 
ATOM   160 C  C7    . DT  A 1 8  ? 0.944   5.101   -5.179  1.00 13.80 ? 8    DT  A C7    1 
ATOM   161 C  C6    . DT  A 1 8  ? -1.314  3.986   -5.116  1.00 14.82 ? 8    DT  A C6    1 
ATOM   162 P  P     . DT  A 1 9  ? -6.825  3.193   -8.067  1.00 26.29 ? 9    DT  A P     1 
ATOM   163 O  OP1   . DT  A 1 9  ? -7.650  2.274   -8.888  1.00 25.31 ? 9    DT  A OP1   1 
ATOM   164 O  OP2   . DT  A 1 9  ? -6.236  4.430   -8.593  1.00 36.84 ? 9    DT  A OP2   1 
ATOM   165 O  "O5'" . DT  A 1 9  ? -7.619  3.595   -6.737  1.00 17.70 ? 9    DT  A "O5'" 1 
ATOM   166 C  "C5'" . DT  A 1 9  ? -7.962  2.595   -5.752  1.00 20.74 ? 9    DT  A "C5'" 1 
ATOM   167 C  "C4'" . DT  A 1 9  ? -8.362  3.345   -4.506  1.00 16.47 ? 9    DT  A "C4'" 1 
ATOM   168 O  "O4'" . DT  A 1 9  ? -7.283  3.964   -3.796  1.00 20.21 ? 9    DT  A "O4'" 1 
ATOM   169 C  "C3'" . DT  A 1 9  ? -9.400  4.447   -4.775  1.00 24.28 ? 9    DT  A "C3'" 1 
ATOM   170 O  "O3'" . DT  A 1 9  ? -10.413 4.159   -3.810  1.00 24.01 ? 9    DT  A "O3'" 1 
ATOM   171 C  "C2'" . DT  A 1 9  ? -8.687  5.741   -4.442  1.00 24.63 ? 9    DT  A "C2'" 1 
ATOM   172 C  "C1'" . DT  A 1 9  ? -7.606  5.301   -3.476  1.00 22.26 ? 9    DT  A "C1'" 1 
ATOM   173 N  N1    . DT  A 1 9  ? -6.358  6.089   -3.541  1.00 17.04 ? 9    DT  A N1    1 
ATOM   174 C  C2    . DT  A 1 9  ? -5.839  6.488   -2.342  1.00 18.23 ? 9    DT  A C2    1 
ATOM   175 O  O2    . DT  A 1 9  ? -6.404  6.277   -1.284  1.00 22.63 ? 9    DT  A O2    1 
ATOM   176 N  N3    . DT  A 1 9  ? -4.648  7.143   -2.431  1.00 20.74 ? 9    DT  A N3    1 
ATOM   177 C  C4    . DT  A 1 9  ? -3.928  7.391   -3.590  1.00 14.01 ? 9    DT  A C4    1 
ATOM   178 O  O4    . DT  A 1 9  ? -2.852  7.962   -3.467  1.00 25.87 ? 9    DT  A O4    1 
ATOM   179 C  C5    . DT  A 1 9  ? -4.532  6.959   -4.813  1.00 17.01 ? 9    DT  A C5    1 
ATOM   180 C  C7    . DT  A 1 9  ? -3.902  7.297   -6.126  1.00 19.03 ? 9    DT  A C7    1 
ATOM   181 C  C6    . DT  A 1 9  ? -5.715  6.312   -4.731  1.00 24.72 ? 9    DT  A C6    1 
ATOM   182 P  P     . DG  A 1 10 ? -11.804 4.961   -3.702  1.00 28.08 ? 10   DG  A P     1 
ATOM   183 O  OP1   . DG  A 1 10 ? -12.643 4.135   -2.813  1.00 27.76 ? 10   DG  A OP1   1 
ATOM   184 O  OP2   . DG  A 1 10 ? -12.129 5.436   -5.065  1.00 22.29 ? 10   DG  A OP2   1 
ATOM   185 O  "O5'" . DG  A 1 10 ? -11.400 6.282   -2.882  1.00 32.92 ? 10   DG  A "O5'" 1 
ATOM   186 C  "C5'" . DG  A 1 10 ? -11.314 6.198   -1.444  1.00 40.46 ? 10   DG  A "C5'" 1 
ATOM   187 C  "C4'" . DG  A 1 10 ? -10.824 7.546   -0.938  1.00 45.40 ? 10   DG  A "C4'" 1 
ATOM   188 O  "O4'" . DG  A 1 10 ? -9.525  7.824   -1.524  1.00 27.85 ? 10   DG  A "O4'" 1 
ATOM   189 C  "C3'" . DG  A 1 10 ? -11.730 8.707   -1.390  1.00 37.95 ? 10   DG  A "C3'" 1 
ATOM   190 O  "O3'" . DG  A 1 10 ? -11.894 9.554   -0.245  1.00 49.91 ? 10   DG  A "O3'" 1 
ATOM   191 C  "C2'" . DG  A 1 10 ? -10.897 9.453   -2.421  1.00 27.42 ? 10   DG  A "C2'" 1 
ATOM   192 C  "C1'" . DG  A 1 10 ? -9.518  9.212   -1.830  1.00 19.65 ? 10   DG  A "C1'" 1 
ATOM   193 N  N9    . DG  A 1 10 ? -8.381  9.495   -2.672  1.00 24.72 ? 10   DG  A N9    1 
ATOM   194 C  C8    . DG  A 1 10 ? -8.235  9.172   -4.001  1.00 20.28 ? 10   DG  A C8    1 
ATOM   195 N  N7    . DG  A 1 10 ? -7.072  9.556   -4.467  1.00 27.31 ? 10   DG  A N7    1 
ATOM   196 C  C5    . DG  A 1 10 ? -6.412  10.101  -3.380  1.00 23.29 ? 10   DG  A C5    1 
ATOM   197 C  C6    . DG  A 1 10 ? -5.114  10.659  -3.278  1.00 27.61 ? 10   DG  A C6    1 
ATOM   198 O  O6    . DG  A 1 10 ? -4.224  10.870  -4.245  1.00 21.40 ? 10   DG  A O6    1 
ATOM   199 N  N1    . DG  A 1 10 ? -4.853  11.091  -1.983  1.00 14.26 ? 10   DG  A N1    1 
ATOM   200 C  C2    . DG  A 1 10 ? -5.695  10.974  -0.921  1.00 19.70 ? 10   DG  A C2    1 
ATOM   201 N  N2    . DG  A 1 10 ? -5.200  11.446  0.232   1.00 21.99 ? 10   DG  A N2    1 
ATOM   202 N  N3    . DG  A 1 10 ? -6.884  10.389  -0.987  1.00 22.71 ? 10   DG  A N3    1 
ATOM   203 C  C4    . DG  A 1 10 ? -7.213  10.084  -2.255  1.00 21.44 ? 10   DG  A C4    1 
ATOM   204 P  P     . DC  A 1 11 ? -13.335 10.193  0.059   1.00 43.90 ? 11   DC  A P     1 
ATOM   205 O  OP1   . DC  A 1 11 ? -14.262 9.089   0.425   1.00 37.90 ? 11   DC  A OP1   1 
ATOM   206 O  OP2   . DC  A 1 11 ? -13.619 11.114  -1.073  1.00 25.69 ? 11   DC  A OP2   1 
ATOM   207 O  "O5'" . DC  A 1 11 ? -13.096 11.099  1.348   1.00 31.59 ? 11   DC  A "O5'" 1 
ATOM   208 C  "C5'" . DC  A 1 11 ? -12.545 10.631  2.590   1.00 28.50 ? 11   DC  A "C5'" 1 
ATOM   209 C  "C4'" . DC  A 1 11 ? -11.271 11.417  2.879   1.00 25.97 ? 11   DC  A "C4'" 1 
ATOM   210 O  "O4'" . DC  A 1 11 ? -10.404 11.301  1.716   1.00 24.90 ? 11   DC  A "O4'" 1 
ATOM   211 C  "C3'" . DC  A 1 11 ? -11.465 12.952  2.899   1.00 25.41 ? 11   DC  A "C3'" 1 
ATOM   212 O  "O3'" . DC  A 1 11 ? -11.924 13.366  4.170   1.00 25.24 ? 11   DC  A "O3'" 1 
ATOM   213 C  "C2'" . DC  A 1 11 ? -10.008 13.379  2.762   1.00 31.46 ? 11   DC  A "C2'" 1 
ATOM   214 C  "C1'" . DC  A 1 11 ? -9.511  12.407  1.711   1.00 28.94 ? 11   DC  A "C1'" 1 
ATOM   215 N  N1    . DC  A 1 11 ? -9.393  12.942  0.354   1.00 21.60 ? 11   DC  A N1    1 
ATOM   216 C  C2    . DC  A 1 11 ? -8.143  13.433  -0.055  1.00 13.02 ? 11   DC  A C2    1 
ATOM   217 O  O2    . DC  A 1 11 ? -7.283  13.751  0.770   1.00 19.86 ? 11   DC  A O2    1 
ATOM   218 N  N3    . DC  A 1 11 ? -7.874  13.538  -1.371  1.00 21.21 ? 11   DC  A N3    1 
ATOM   219 C  C4    . DC  A 1 11 ? -8.820  13.255  -2.272  1.00 23.47 ? 11   DC  A C4    1 
ATOM   220 N  N4    . DC  A 1 11 ? -8.423  13.293  -3.542  1.00 18.32 ? 11   DC  A N4    1 
ATOM   221 C  C5    . DC  A 1 11 ? -10.106 12.783  -1.885  1.00 27.44 ? 11   DC  A C5    1 
ATOM   222 C  C6    . DC  A 1 11 ? -10.330 12.587  -0.579  1.00 19.64 ? 11   DC  A C6    1 
ATOM   223 P  P     . DG  A 1 12 ? -12.759 14.709  4.437   1.00 29.62 ? 12   DG  A P     1 
ATOM   224 O  OP1   . DG  A 1 12 ? -13.382 14.489  5.773   1.00 33.23 ? 12   DG  A OP1   1 
ATOM   225 O  OP2   . DG  A 1 12 ? -13.572 15.122  3.287   1.00 21.16 ? 12   DG  A OP2   1 
ATOM   226 O  "O5'" . DG  A 1 12 ? -11.614 15.832  4.550   1.00 32.03 ? 12   DG  A "O5'" 1 
ATOM   227 C  "C5'" . DG  A 1 12 ? -10.730 15.867  5.682   1.00 28.34 ? 12   DG  A "C5'" 1 
ATOM   228 C  "C4'" . DG  A 1 12 ? -9.508  16.727  5.438   1.00 28.09 ? 12   DG  A "C4'" 1 
ATOM   229 O  "O4'" . DG  A 1 12 ? -8.797  16.158  4.296   1.00 20.35 ? 12   DG  A "O4'" 1 
ATOM   230 C  "C3'" . DG  A 1 12 ? -9.830  18.169  5.051   1.00 21.73 ? 12   DG  A "C3'" 1 
ATOM   231 O  "O3'" . DG  A 1 12 ? -9.831  19.053  6.186   1.00 24.40 ? 12   DG  A "O3'" 1 
ATOM   232 C  "C2'" . DG  A 1 12 ? -8.636  18.529  4.189   1.00 19.15 ? 12   DG  A "C2'" 1 
ATOM   233 C  "C1'" . DG  A 1 12 ? -8.312  17.211  3.494   1.00 18.64 ? 12   DG  A "C1'" 1 
ATOM   234 N  N9    . DG  A 1 12 ? -8.899  17.094  2.157   1.00 22.05 ? 12   DG  A N9    1 
ATOM   235 C  C8    . DG  A 1 12 ? -10.152 16.626  1.873   1.00 17.29 ? 12   DG  A C8    1 
ATOM   236 N  N7    . DG  A 1 12 ? -10.366 16.487  0.587   1.00 25.52 ? 12   DG  A N7    1 
ATOM   237 C  C5    . DG  A 1 12 ? -9.155  16.828  0.003   1.00 23.96 ? 12   DG  A C5    1 
ATOM   238 C  C6    . DG  A 1 12 ? -8.760  16.830  -1.353  1.00 24.12 ? 12   DG  A C6    1 
ATOM   239 O  O6    . DG  A 1 12 ? -9.494  16.541  -2.419  1.00 25.46 ? 12   DG  A O6    1 
ATOM   240 N  N1    . DG  A 1 12 ? -7.463  17.293  -1.547  1.00 27.17 ? 12   DG  A N1    1 
ATOM   241 C  C2    . DG  A 1 12 ? -6.613  17.664  -0.545  1.00 21.44 ? 12   DG  A C2    1 
ATOM   242 N  N2    . DG  A 1 12 ? -5.413  18.046  -0.986  1.00 17.69 ? 12   DG  A N2    1 
ATOM   243 N  N3    . DG  A 1 12 ? -6.950  17.587  0.731   1.00 19.37 ? 12   DG  A N3    1 
ATOM   244 C  C4    . DG  A 1 12 ? -8.217  17.180  0.953   1.00 23.45 ? 12   DG  A C4    1 
ATOM   245 O  "O5'" . DC  B 1 1  ? -3.130  18.030  -9.269  1.00 65.08 ? 13   DC  B "O5'" 1 
ATOM   246 C  "C5'" . DC  B 1 1  ? -3.003  19.455  -9.071  1.00 31.06 ? 13   DC  B "C5'" 1 
ATOM   247 C  "C4'" . DC  B 1 1  ? -2.294  19.703  -7.752  1.00 37.86 ? 13   DC  B "C4'" 1 
ATOM   248 O  "O4'" . DC  B 1 1  ? -3.239  19.602  -6.664  1.00 39.90 ? 13   DC  B "O4'" 1 
ATOM   249 C  "C3'" . DC  B 1 1  ? -1.234  18.656  -7.422  1.00 32.26 ? 13   DC  B "C3'" 1 
ATOM   250 O  "O3'" . DC  B 1 1  ? -0.251  19.270  -6.555  1.00 46.46 ? 13   DC  B "O3'" 1 
ATOM   251 C  "C2'" . DC  B 1 1  ? -1.967  17.619  -6.603  1.00 33.09 ? 13   DC  B "C2'" 1 
ATOM   252 C  "C1'" . DC  B 1 1  ? -2.963  18.474  -5.836  1.00 35.98 ? 13   DC  B "C1'" 1 
ATOM   253 N  N1    . DC  B 1 1  ? -4.257  17.799  -5.618  1.00 31.27 ? 13   DC  B N1    1 
ATOM   254 C  C2    . DC  B 1 1  ? -4.897  17.796  -4.380  1.00 18.24 ? 13   DC  B C2    1 
ATOM   255 O  O2    . DC  B 1 1  ? -4.390  18.260  -3.355  1.00 21.90 ? 13   DC  B O2    1 
ATOM   256 N  N3    . DC  B 1 1  ? -6.151  17.296  -4.293  1.00 20.17 ? 13   DC  B N3    1 
ATOM   257 C  C4    . DC  B 1 1  ? -6.738  16.777  -5.363  1.00 25.53 ? 13   DC  B C4    1 
ATOM   258 N  N4    . DC  B 1 1  ? -7.904  16.168  -5.181  1.00 42.82 ? 13   DC  B N4    1 
ATOM   259 C  C5    . DC  B 1 1  ? -6.116  16.772  -6.640  1.00 43.55 ? 13   DC  B C5    1 
ATOM   260 C  C6    . DC  B 1 1  ? -4.882  17.285  -6.724  1.00 42.44 ? 13   DC  B C6    1 
ATOM   261 P  P     . DG  B 1 2  ? 1.128   18.422  -6.514  1.00 47.99 ? 14   DG  B P     1 
ATOM   262 O  OP1   . DG  B 1 2  ? 2.171   19.263  -7.129  1.00 64.88 ? 14   DG  B OP1   1 
ATOM   263 O  OP2   . DG  B 1 2  ? 0.743   17.097  -7.070  1.00 43.75 ? 14   DG  B OP2   1 
ATOM   264 O  "O5'" . DG  B 1 2  ? 1.422   18.215  -4.967  1.00 34.89 ? 14   DG  B "O5'" 1 
ATOM   265 C  "C5'" . DG  B 1 2  ? 0.896   19.123  -3.982  1.00 35.97 ? 14   DG  B "C5'" 1 
ATOM   266 C  "C4'" . DG  B 1 2  ? 0.555   18.389  -2.713  1.00 29.93 ? 14   DG  B "C4'" 1 
ATOM   267 O  "O4'" . DG  B 1 2  ? -0.763  17.782  -2.754  1.00 30.52 ? 14   DG  B "O4'" 1 
ATOM   268 C  "C3'" . DG  B 1 2  ? 1.541   17.271  -2.426  1.00 23.50 ? 14   DG  B "C3'" 1 
ATOM   269 O  "O3'" . DG  B 1 2  ? 2.029   17.435  -1.100  1.00 26.47 ? 14   DG  B "O3'" 1 
ATOM   270 C  "C2'" . DG  B 1 2  ? 0.734   15.997  -2.543  1.00 28.05 ? 14   DG  B "C2'" 1 
ATOM   271 C  "C1'" . DG  B 1 2  ? -0.683  16.478  -2.220  1.00 26.66 ? 14   DG  B "C1'" 1 
ATOM   272 N  N9    . DG  B 1 2  ? -1.711  15.690  -2.906  1.00 35.65 ? 14   DG  B N9    1 
ATOM   273 C  C8    . DG  B 1 2  ? -1.744  15.326  -4.228  1.00 34.91 ? 14   DG  B C8    1 
ATOM   274 N  N7    . DG  B 1 2  ? -2.892  14.815  -4.604  1.00 24.81 ? 14   DG  B N7    1 
ATOM   275 C  C5    . DG  B 1 2  ? -3.592  14.729  -3.418  1.00 24.56 ? 14   DG  B C5    1 
ATOM   276 C  C6    . DG  B 1 2  ? -4.865  14.166  -3.174  1.00 12.03 ? 14   DG  B C6    1 
ATOM   277 O  O6    . DG  B 1 2  ? -5.728  13.754  -4.083  1.00 23.13 ? 14   DG  B O6    1 
ATOM   278 N  N1    . DG  B 1 2  ? -5.251  14.368  -1.856  1.00 16.44 ? 14   DG  B N1    1 
ATOM   279 C  C2    . DG  B 1 2  ? -4.481  14.905  -0.851  1.00 24.69 ? 14   DG  B C2    1 
ATOM   280 N  N2    . DG  B 1 2  ? -5.040  14.920  0.369   1.00 22.91 ? 14   DG  B N2    1 
ATOM   281 N  N3    . DG  B 1 2  ? -3.254  15.366  -1.059  1.00 25.64 ? 14   DG  B N3    1 
ATOM   282 C  C4    . DG  B 1 2  ? -2.917  15.311  -2.369  1.00 31.04 ? 14   DG  B C4    1 
ATOM   283 P  P     . DC  B 1 3  ? 3.245   16.534  -0.568  1.00 30.84 ? 15   DC  B P     1 
ATOM   284 O  OP1   . DC  B 1 3  ? 4.289   17.451  -0.007  1.00 43.31 ? 15   DC  B OP1   1 
ATOM   285 O  OP2   . DC  B 1 3  ? 3.703   15.572  -1.594  1.00 33.79 ? 15   DC  B OP2   1 
ATOM   286 O  "O5'" . DC  B 1 3  ? 2.561   15.731  0.606   1.00 24.23 ? 15   DC  B "O5'" 1 
ATOM   287 C  "C5'" . DC  B 1 3  ? 1.767   16.420  1.603   1.00 21.38 ? 15   DC  B "C5'" 1 
ATOM   288 C  "C4'" . DC  B 1 3  ? 0.780   15.399  2.162   1.00 15.19 ? 15   DC  B "C4'" 1 
ATOM   289 O  "O4'" . DC  B 1 3  ? 0.005   14.929  1.028   1.00 23.04 ? 15   DC  B "O4'" 1 
ATOM   290 C  "C3'" . DC  B 1 3  ? 1.410   14.149  2.759   1.00 17.65 ? 15   DC  B "C3'" 1 
ATOM   291 O  "O3'" . DC  B 1 3  ? 1.300   14.185  4.172   1.00 35.18 ? 15   DC  B "O3'" 1 
ATOM   292 C  "C2'" . DC  B 1 3  ? 0.636   12.992  2.183   1.00 17.40 ? 15   DC  B "C2'" 1 
ATOM   293 C  "C1'" . DC  B 1 3  ? -0.441  13.598  1.312   1.00 18.61 ? 15   DC  B "C1'" 1 
ATOM   294 N  N1    . DC  B 1 3  ? -0.736  12.944  0.027   1.00 23.69 ? 15   DC  B N1    1 
ATOM   295 C  C2    . DC  B 1 3  ? -2.015  12.498  -0.336  1.00 18.93 ? 15   DC  B C2    1 
ATOM   296 O  O2    . DC  B 1 3  ? -2.946  12.480  0.479   1.00 26.09 ? 15   DC  B O2    1 
ATOM   297 N  N3    . DC  B 1 3  ? -2.267  12.059  -1.594  1.00 16.18 ? 15   DC  B N3    1 
ATOM   298 C  C4    . DC  B 1 3  ? -1.298  12.072  -2.511  1.00 22.24 ? 15   DC  B C4    1 
ATOM   299 N  N4    . DC  B 1 3  ? -1.556  11.629  -3.748  1.00 22.82 ? 15   DC  B N4    1 
ATOM   300 C  C5    . DC  B 1 3  ? 0.006   12.560  -2.202  1.00 24.14 ? 15   DC  B C5    1 
ATOM   301 C  C6    . DC  B 1 3  ? 0.248   12.919  -0.935  1.00 21.39 ? 15   DC  B C6    1 
HETATM 302 P  P     . IGU B 1 4  ? 2.036   13.158  5.157   1.00 32.17 ? 16   IGU B P     1 
HETATM 303 O  OP1   . IGU B 1 4  ? 2.042   13.768  6.508   1.00 39.67 ? 16   IGU B OP1   1 
HETATM 304 O  OP2   . IGU B 1 4  ? 3.248   12.670  4.486   1.00 40.85 ? 16   IGU B OP2   1 
HETATM 305 O  "O5'" . IGU B 1 4  ? 1.017   11.928  5.250   1.00 32.50 ? 16   IGU B "O5'" 1 
HETATM 306 C  "C5'" . IGU B 1 4  ? -0.343  12.192  5.636   1.00 21.49 ? 16   IGU B "C5'" 1 
HETATM 307 C  "C4'" . IGU B 1 4  ? -1.113  10.896  5.456   1.00 17.69 ? 16   IGU B "C4'" 1 
HETATM 308 O  "O4'" . IGU B 1 4  ? -1.296  10.663  4.036   1.00 22.43 ? 16   IGU B "O4'" 1 
HETATM 309 C  "C3'" . IGU B 1 4  ? -0.330  9.656   5.942   1.00 25.57 ? 16   IGU B "C3'" 1 
HETATM 310 O  "O3'" . IGU B 1 4  ? -1.355  8.651   6.152   1.00 36.16 ? 16   IGU B "O3'" 1 
HETATM 311 C  "C2'" . IGU B 1 4  ? 0.408   9.245   4.665   1.00 25.43 ? 16   IGU B "C2'" 1 
HETATM 312 C  "C1'" . IGU B 1 4  ? -0.720  9.426   3.657   1.00 21.63 ? 16   IGU B "C1'" 1 
HETATM 313 N  N9    . IGU B 1 4  ? -0.305  9.489   2.255   1.00 14.88 ? 16   IGU B N9    1 
HETATM 314 C  C8    . IGU B 1 4  ? 1.013   9.684   1.846   1.00 19.96 ? 16   IGU B C8    1 
HETATM 315 N  N7    . IGU B 1 4  ? 1.177   9.547   0.589   1.00 18.41 ? 16   IGU B N7    1 
HETATM 316 C  C6    . IGU B 1 4  ? -0.676  8.948   -1.136  1.00 22.79 ? 16   IGU B C6    1 
HETATM 317 N  N6    . IGU B 1 4  ? -0.073  8.956   -2.332  1.00 23.93 ? 16   IGU B N6    1 
HETATM 318 C  C5    . IGU B 1 4  ? -0.094  9.253   0.106   1.00 22.61 ? 16   IGU B C5    1 
HETATM 319 N  N1    . IGU B 1 4  ? -1.993  8.669   -1.071  1.00 21.45 ? 16   IGU B N1    1 
HETATM 320 C  C2    . IGU B 1 4  ? -2.820  8.648   0.086   1.00 18.45 ? 16   IGU B C2    1 
HETATM 321 O  O2    . IGU B 1 4  ? -3.962  8.375   -0.115  1.00 22.23 ? 16   IGU B O2    1 
HETATM 322 N  N3    . IGU B 1 4  ? -2.234  8.998   1.262   1.00 21.74 ? 16   IGU B N3    1 
HETATM 323 C  C4    . IGU B 1 4  ? -0.980  9.209   1.139   1.00 18.97 ? 16   IGU B C4    1 
ATOM   324 P  P     . DA  B 1 5  ? -1.582  8.167   7.672   1.00 37.92 ? 17   DA  B P     1 
ATOM   325 O  OP1   . DA  B 1 5  ? -1.554  9.375   8.523   1.00 44.48 ? 17   DA  B OP1   1 
ATOM   326 O  OP2   . DA  B 1 5  ? -0.633  7.051   7.901   1.00 33.77 ? 17   DA  B OP2   1 
ATOM   327 O  "O5'" . DA  B 1 5  ? -3.045  7.566   7.673   1.00 36.89 ? 17   DA  B "O5'" 1 
ATOM   328 C  "C5'" . DA  B 1 5  ? -4.182  8.257   7.129   1.00 39.06 ? 17   DA  B "C5'" 1 
ATOM   329 C  "C4'" . DA  B 1 5  ? -5.045  7.284   6.363   1.00 33.37 ? 17   DA  B "C4'" 1 
ATOM   330 O  "O4'" . DA  B 1 5  ? -4.552  7.065   5.030   1.00 29.32 ? 17   DA  B "O4'" 1 
ATOM   331 C  "C3'" . DA  B 1 5  ? -5.125  5.879   6.971   1.00 31.35 ? 17   DA  B "C3'" 1 
ATOM   332 O  "O3'" . DA  B 1 5  ? -6.415  5.377   6.565   1.00 36.78 ? 17   DA  B "O3'" 1 
ATOM   333 C  "C2'" . DA  B 1 5  ? -4.049  5.096   6.220   1.00 21.75 ? 17   DA  B "C2'" 1 
ATOM   334 C  "C1'" . DA  B 1 5  ? -4.166  5.704   4.831   1.00 26.50 ? 17   DA  B "C1'" 1 
ATOM   335 N  N9    . DA  B 1 5  ? -2.940  5.659   4.027   1.00 22.95 ? 17   DA  B N9    1 
ATOM   336 C  C8    . DA  B 1 5  ? -1.661  5.935   4.440   1.00 23.14 ? 17   DA  B C8    1 
ATOM   337 N  N7    . DA  B 1 5  ? -0.786  5.968   3.467   1.00 25.52 ? 17   DA  B N7    1 
ATOM   338 C  C5    . DA  B 1 5  ? -1.526  5.692   2.328   1.00 12.26 ? 17   DA  B C5    1 
ATOM   339 C  C6    . DA  B 1 5  ? -1.180  5.579   0.974   1.00 15.99 ? 17   DA  B C6    1 
ATOM   340 N  N6    . DA  B 1 5  ? 0.015   5.916   0.474   1.00 17.32 ? 17   DA  B N6    1 
ATOM   341 N  N1    . DA  B 1 5  ? -2.179  5.370   0.087   1.00 16.90 ? 17   DA  B N1    1 
ATOM   342 C  C2    . DA  B 1 5  ? -3.426  5.209   0.546   1.00 15.27 ? 17   DA  B C2    1 
ATOM   343 N  N3    . DA  B 1 5  ? -3.857  5.274   1.798   1.00 18.36 ? 17   DA  B N3    1 
ATOM   344 C  C4    . DA  B 1 5  ? -2.857  5.536   2.652   1.00 16.21 ? 17   DA  B C4    1 
ATOM   345 P  P     . DA  B 1 6  ? -6.925  3.980   7.146   1.00 35.32 ? 18   DA  B P     1 
ATOM   346 O  OP1   . DA  B 1 6  ? -8.284  4.194   7.698   1.00 62.28 ? 18   DA  B OP1   1 
ATOM   347 O  OP2   . DA  B 1 6  ? -5.858  3.329   7.935   1.00 24.70 ? 18   DA  B OP2   1 
ATOM   348 O  "O5'" . DA  B 1 6  ? -7.032  3.039   5.856   1.00 36.57 ? 18   DA  B "O5'" 1 
ATOM   349 C  "C5'" . DA  B 1 6  ? -7.743  3.506   4.688   1.00 24.15 ? 18   DA  B "C5'" 1 
ATOM   350 C  "C4'" . DA  B 1 6  ? -7.375  2.582   3.569   1.00 24.77 ? 18   DA  B "C4'" 1 
ATOM   351 O  "O4'" . DA  B 1 6  ? -6.080  2.855   3.014   1.00 27.14 ? 18   DA  B "O4'" 1 
ATOM   352 C  "C3'" . DA  B 1 6  ? -7.386  1.096   3.980   1.00 27.74 ? 18   DA  B "C3'" 1 
ATOM   353 O  "O3'" . DA  B 1 6  ? -8.170  0.501   2.937   1.00 31.11 ? 18   DA  B "O3'" 1 
ATOM   354 C  "C2'" . DA  B 1 6  ? -5.940  0.664   3.831   1.00 28.43 ? 18   DA  B "C2'" 1 
ATOM   355 C  "C1'" . DA  B 1 6  ? -5.418  1.616   2.772   1.00 26.65 ? 18   DA  B "C1'" 1 
ATOM   356 N  N9    . DA  B 1 6  ? -3.994  1.917   2.875   1.00 18.83 ? 18   DA  B N9    1 
ATOM   357 C  C8    . DA  B 1 6  ? -3.268  2.266   3.992   1.00 14.20 ? 18   DA  B C8    1 
ATOM   358 N  N7    . DA  B 1 6  ? -1.975  2.354   3.710   1.00 13.53 ? 18   DA  B N7    1 
ATOM   359 C  C5    . DA  B 1 6  ? -1.905  2.269   2.317   1.00 16.54 ? 18   DA  B C5    1 
ATOM   360 C  C6    . DA  B 1 6  ? -0.849  2.328   1.394   1.00 13.04 ? 18   DA  B C6    1 
ATOM   361 N  N6    . DA  B 1 6  ? 0.409   2.687   1.683   1.00 14.35 ? 18   DA  B N6    1 
ATOM   362 N  N1    . DA  B 1 6  ? -1.106  2.159   0.093   1.00 15.68 ? 18   DA  B N1    1 
ATOM   363 C  C2    . DA  B 1 6  ? -2.373  1.901   -0.271  1.00 15.70 ? 18   DA  B C2    1 
ATOM   364 N  N3    . DA  B 1 6  ? -3.455  1.801   0.499   1.00 21.75 ? 18   DA  B N3    1 
ATOM   365 C  C4    . DA  B 1 6  ? -3.147  1.997   1.793   1.00 14.77 ? 18   DA  B C4    1 
ATOM   366 P  P     . DT  B 1 7  ? -8.869  -0.917  3.008   1.00 31.98 ? 19   DT  B P     1 
ATOM   367 O  OP1   . DT  B 1 7  ? -10.246 -0.773  2.462   1.00 37.80 ? 19   DT  B OP1   1 
ATOM   368 O  OP2   . DT  B 1 7  ? -8.457  -1.551  4.271   1.00 25.01 ? 19   DT  B OP2   1 
ATOM   369 O  "O5'" . DT  B 1 7  ? -8.058  -1.783  1.900   1.00 29.31 ? 19   DT  B "O5'" 1 
ATOM   370 C  "C5'" . DT  B 1 7  ? -8.005  -1.278  0.555   1.00 18.83 ? 19   DT  B "C5'" 1 
ATOM   371 C  "C4'" . DT  B 1 7  ? -6.774  -1.797  -0.142  1.00 23.03 ? 19   DT  B "C4'" 1 
ATOM   372 O  "O4'" . DT  B 1 7  ? -5.573  -1.204  0.412   1.00 24.37 ? 19   DT  B "O4'" 1 
ATOM   373 C  "C3'" . DT  B 1 7  ? -6.546  -3.310  -0.011  1.00 20.03 ? 19   DT  B "C3'" 1 
ATOM   374 O  "O3'" . DT  B 1 7  ? -7.036  -3.902  -1.223  1.00 24.65 ? 19   DT  B "O3'" 1 
ATOM   375 C  "C2'" . DT  B 1 7  ? -5.048  -3.459  0.068   1.00 17.75 ? 19   DT  B "C2'" 1 
ATOM   376 C  "C1'" . DT  B 1 7  ? -4.516  -2.039  -0.053  1.00 22.97 ? 19   DT  B "C1'" 1 
ATOM   377 N  N1    . DT  B 1 7  ? -3.353  -1.776  0.818   1.00 18.25 ? 19   DT  B N1    1 
ATOM   378 C  C2    . DT  B 1 7  ? -2.158  -1.520  0.216   1.00 16.34 ? 19   DT  B C2    1 
ATOM   379 O  O2    . DT  B 1 7  ? -1.957  -1.558  -0.982  1.00 14.48 ? 19   DT  B O2    1 
ATOM   380 N  N3    . DT  B 1 7  ? -1.138  -1.238  1.091   1.00 12.29 ? 19   DT  B N3    1 
ATOM   381 C  C4    . DT  B 1 7  ? -1.248  -1.083  2.458   1.00 14.36 ? 19   DT  B C4    1 
ATOM   382 O  O4    . DT  B 1 7  ? -0.257  -0.765  3.093   1.00 15.59 ? 19   DT  B O4    1 
ATOM   383 C  C5    . DT  B 1 7  ? -2.537  -1.400  3.024   1.00 19.40 ? 19   DT  B C5    1 
ATOM   384 C  C7    . DT  B 1 7  ? -2.678  -1.469  4.520   1.00 21.04 ? 19   DT  B C7    1 
ATOM   385 C  C6    . DT  B 1 7  ? -3.533  -1.686  2.178   1.00 14.04 ? 19   DT  B C6    1 
ATOM   386 P  P     . DT  B 1 8  ? -6.934  -5.447  -1.614  1.00 21.31 ? 20   DT  B P     1 
ATOM   387 O  OP1   . DT  B 1 8  ? -7.945  -5.702  -2.645  1.00 22.62 ? 20   DT  B OP1   1 
ATOM   388 O  OP2   . DT  B 1 8  ? -6.848  -6.259  -0.376  1.00 24.11 ? 20   DT  B OP2   1 
ATOM   389 O  "O5'" . DT  B 1 8  ? -5.480  -5.553  -2.292  1.00 19.96 ? 20   DT  B "O5'" 1 
ATOM   390 C  "C5'" . DT  B 1 8  ? -5.183  -4.863  -3.519  1.00 15.48 ? 20   DT  B "C5'" 1 
ATOM   391 C  "C4'" . DT  B 1 8  ? -3.744  -5.167  -3.907  1.00 13.88 ? 20   DT  B "C4'" 1 
ATOM   392 O  "O4'" . DT  B 1 8  ? -2.879  -4.644  -2.867  1.00 13.25 ? 20   DT  B "O4'" 1 
ATOM   393 C  "C3'" . DT  B 1 8  ? -3.422  -6.648  -4.039  1.00 15.78 ? 20   DT  B "C3'" 1 
ATOM   394 O  "O3'" . DT  B 1 8  ? -2.962  -6.881  -5.371  1.00 15.64 ? 20   DT  B "O3'" 1 
ATOM   395 C  "C2'" . DT  B 1 8  ? -2.343  -6.917  -3.002  1.00 20.43 ? 20   DT  B "C2'" 1 
ATOM   396 C  "C1'" . DT  B 1 8  ? -1.788  -5.551  -2.665  1.00 13.29 ? 20   DT  B "C1'" 1 
ATOM   397 N  N1    . DT  B 1 8  ? -1.341  -5.372  -1.268  1.00 13.97 ? 20   DT  B N1    1 
ATOM   398 C  C2    . DT  B 1 8  ? -0.079  -4.846  -1.072  1.00 16.10 ? 20   DT  B C2    1 
ATOM   399 O  O2    . DT  B 1 8  ? 0.671   -4.684  -2.011  1.00 18.89 ? 20   DT  B O2    1 
ATOM   400 N  N3    . DT  B 1 8  ? 0.255   -4.533  0.215   1.00 15.51 ? 20   DT  B N3    1 
ATOM   401 C  C4    . DT  B 1 8  ? -0.556  -4.707  1.339   1.00 15.46 ? 20   DT  B C4    1 
ATOM   402 O  O4    . DT  B 1 8  ? -0.168  -4.361  2.446   1.00 20.33 ? 20   DT  B O4    1 
ATOM   403 C  C5    . DT  B 1 8  ? -1.865  -5.242  1.079   1.00 16.27 ? 20   DT  B C5    1 
ATOM   404 C  C7    . DT  B 1 8  ? -2.809  -5.466  2.224   1.00 12.96 ? 20   DT  B C7    1 
ATOM   405 C  C6    . DT  B 1 8  ? -2.196  -5.488  -0.199  1.00 13.70 ? 20   DT  B C6    1 
ATOM   406 P  P     . DT  B 1 9  ? -2.526  -8.336  -5.941  1.00 18.57 ? 21   DT  B P     1 
ATOM   407 O  OP1   . DT  B 1 9  ? -2.702  -8.250  -7.405  1.00 25.86 ? 21   DT  B OP1   1 
ATOM   408 O  OP2   . DT  B 1 9  ? -3.183  -9.374  -5.133  1.00 22.19 ? 21   DT  B OP2   1 
ATOM   409 O  "O5'" . DT  B 1 9  ? -0.974  -8.379  -5.562  1.00 13.91 ? 21   DT  B "O5'" 1 
ATOM   410 C  "C5'" . DT  B 1 9  ? -0.030  -7.468  -6.132  1.00 18.31 ? 21   DT  B "C5'" 1 
ATOM   411 C  "C4'" . DT  B 1 9  ? 1.315   -7.734  -5.476  1.00 17.89 ? 21   DT  B "C4'" 1 
ATOM   412 O  "O4'" . DT  B 1 9  ? 1.198   -7.446  -4.063  1.00 17.29 ? 21   DT  B "O4'" 1 
ATOM   413 C  "C3'" . DT  B 1 9  ? 1.692   -9.238  -5.489  1.00 19.78 ? 21   DT  B "C3'" 1 
ATOM   414 O  "O3'" . DT  B 1 9  ? 2.844   -9.353  -6.344  1.00 29.53 ? 21   DT  B "O3'" 1 
ATOM   415 C  "C2'" . DT  B 1 9  ? 2.165   -9.556  -4.089  1.00 8.85  ? 21   DT  B "C2'" 1 
ATOM   416 C  "C1'" . DT  B 1 9  ? 2.255   -8.189  -3.447  1.00 13.18 ? 21   DT  B "C1'" 1 
ATOM   417 N  N1    . DT  B 1 9  ? 1.948   -8.219  -2.004  1.00 21.67 ? 21   DT  B N1    1 
ATOM   418 C  C2    . DT  B 1 9  ? 2.829   -7.644  -1.146  1.00 16.00 ? 21   DT  B C2    1 
ATOM   419 O  O2    . DT  B 1 9  ? 3.957   -7.275  -1.438  1.00 12.25 ? 21   DT  B O2    1 
ATOM   420 N  N3    . DT  B 1 9  ? 2.347   -7.563  0.123   1.00 9.74  ? 21   DT  B N3    1 
ATOM   421 C  C4    . DT  B 1 9  ? 1.080   -7.883  0.595   1.00 13.35 ? 21   DT  B C4    1 
ATOM   422 O  O4    . DT  B 1 9  ? 0.820   -7.632  1.776   1.00 15.31 ? 21   DT  B O4    1 
ATOM   423 C  C5    . DT  B 1 9  ? 0.243   -8.561  -0.360  1.00 17.03 ? 21   DT  B C5    1 
ATOM   424 C  C7    . DT  B 1 9  ? -1.207  -8.853  -0.062  1.00 24.30 ? 21   DT  B C7    1 
ATOM   425 C  C6    . DT  B 1 9  ? 0.694   -8.626  -1.616  1.00 13.89 ? 21   DT  B C6    1 
ATOM   426 P  P     . DG  B 1 10 ? 3.296   -10.776 -6.966  1.00 26.28 ? 22   DG  B P     1 
ATOM   427 O  OP1   . DG  B 1 10 ? 3.971   -10.410 -8.228  1.00 30.37 ? 22   DG  B OP1   1 
ATOM   428 O  OP2   . DG  B 1 10 ? 2.190   -11.744 -6.829  1.00 27.46 ? 22   DG  B OP2   1 
ATOM   429 O  "O5'" . DG  B 1 10 ? 4.438   -11.273 -5.977  1.00 21.25 ? 22   DG  B "O5'" 1 
ATOM   430 C  "C5'" . DG  B 1 10 ? 5.661   -10.495 -5.893  1.00 22.34 ? 22   DG  B "C5'" 1 
ATOM   431 C  "C4'" . DG  B 1 10 ? 6.308   -10.893 -4.573  1.00 15.33 ? 22   DG  B "C4'" 1 
ATOM   432 O  "O4'" . DG  B 1 10 ? 5.401   -10.492 -3.519  1.00 13.92 ? 22   DG  B "O4'" 1 
ATOM   433 C  "C3'" . DG  B 1 10 ? 6.460   -12.422 -4.424  1.00 27.85 ? 22   DG  B "C3'" 1 
ATOM   434 O  "O3'" . DG  B 1 10 ? 7.679   -12.698 -3.704  1.00 24.45 ? 22   DG  B "O3'" 1 
ATOM   435 C  "C2'" . DG  B 1 10 ? 5.340   -12.796 -3.452  1.00 17.46 ? 22   DG  B "C2'" 1 
ATOM   436 C  "C1'" . DG  B 1 10 ? 5.415   -11.564 -2.567  1.00 18.02 ? 22   DG  B "C1'" 1 
ATOM   437 N  N9    . DG  B 1 10 ? 4.324   -11.412 -1.634  1.00 16.79 ? 22   DG  B N9    1 
ATOM   438 C  C8    . DG  B 1 10 ? 3.055   -11.944 -1.791  1.00 12.82 ? 22   DG  B C8    1 
ATOM   439 N  N7    . DG  B 1 10 ? 2.302   -11.714 -0.746  1.00 13.83 ? 22   DG  B N7    1 
ATOM   440 C  C5    . DG  B 1 10 ? 3.136   -11.074 0.156   1.00 14.57 ? 22   DG  B C5    1 
ATOM   441 C  C6    . DG  B 1 10 ? 2.861   -10.614 1.471   1.00 12.78 ? 22   DG  B C6    1 
ATOM   442 O  O6    . DG  B 1 10 ? 1.726   -10.664 2.166   1.00 17.94 ? 22   DG  B O6    1 
ATOM   443 N  N1    . DG  B 1 10 ? 3.992   -10.025 2.032   1.00 14.24 ? 22   DG  B N1    1 
ATOM   444 C  C2    . DG  B 1 10 ? 5.205   -9.908  1.415   1.00 13.37 ? 22   DG  B C2    1 
ATOM   445 N  N2    . DG  B 1 10 ? 6.164   -9.308  2.152   1.00 14.22 ? 22   DG  B N2    1 
ATOM   446 N  N3    . DG  B 1 10 ? 5.457   -10.251 0.156   1.00 16.02 ? 22   DG  B N3    1 
ATOM   447 C  C4    . DG  B 1 10 ? 4.409   -10.945 -0.353  1.00 16.84 ? 22   DG  B C4    1 
ATOM   448 P  P     . DC  B 1 11 ? 8.948   -13.264 -4.521  1.00 24.43 ? 23   DC  B P     1 
ATOM   449 O  OP1   . DC  B 1 11 ? 9.017   -12.514 -5.810  1.00 46.09 ? 23   DC  B OP1   1 
ATOM   450 O  OP2   . DC  B 1 11 ? 8.830   -14.731 -4.526  1.00 33.56 ? 23   DC  B OP2   1 
ATOM   451 O  "O5'" . DC  B 1 11 ? 10.143  -12.819 -3.604  1.00 20.34 ? 23   DC  B "O5'" 1 
ATOM   452 C  "C5'" . DC  B 1 11 ? 10.406  -11.414 -3.398  1.00 24.04 ? 23   DC  B "C5'" 1 
ATOM   453 C  "C4'" . DC  B 1 11 ? 10.827  -11.222 -1.959  1.00 19.33 ? 23   DC  B "C4'" 1 
ATOM   454 O  "O4'" . DC  B 1 11 ? 9.667   -11.337 -1.121  1.00 22.21 ? 23   DC  B "O4'" 1 
ATOM   455 C  "C3'" . DC  B 1 11 ? 11.853  -12.215 -1.391  1.00 28.90 ? 23   DC  B "C3'" 1 
ATOM   456 O  "O3'" . DC  B 1 11 ? 12.774  -11.487 -0.568  1.00 33.55 ? 23   DC  B "O3'" 1 
ATOM   457 C  "C2'" . DC  B 1 11 ? 11.036  -13.097 -0.459  1.00 24.76 ? 23   DC  B "C2'" 1 
ATOM   458 C  "C1'" . DC  B 1 11 ? 9.968   -12.136 0.025   1.00 23.40 ? 23   DC  B "C1'" 1 
ATOM   459 N  N1    . DC  B 1 11 ? 8.700   -12.833 0.362   1.00 23.82 ? 23   DC  B N1    1 
ATOM   460 C  C2    . DC  B 1 11 ? 8.059   -12.399 1.527   1.00 18.60 ? 23   DC  B C2    1 
ATOM   461 O  O2    . DC  B 1 11 ? 8.713   -11.693 2.315   1.00 13.97 ? 23   DC  B O2    1 
ATOM   462 N  N3    . DC  B 1 11 ? 6.800   -12.837 1.761   1.00 17.15 ? 23   DC  B N3    1 
ATOM   463 C  C4    . DC  B 1 11 ? 6.149   -13.560 0.860   1.00 13.18 ? 23   DC  B C4    1 
ATOM   464 N  N4    . DC  B 1 11 ? 4.843   -13.786 1.061   1.00 16.15 ? 23   DC  B N4    1 
ATOM   465 C  C5    . DC  B 1 11 ? 6.772   -13.991 -0.352  1.00 19.70 ? 23   DC  B C5    1 
ATOM   466 C  C6    . DC  B 1 11 ? 8.043   -13.602 -0.560  1.00 23.19 ? 23   DC  B C6    1 
ATOM   467 P  P     . DG  B 1 12 ? 14.106  -12.132 0.047   1.00 36.43 ? 24   DG  B P     1 
ATOM   468 O  OP1   . DG  B 1 12 ? 15.099  -11.025 0.035   1.00 55.61 ? 24   DG  B OP1   1 
ATOM   469 O  OP2   . DG  B 1 12 ? 14.367  -13.443 -0.603  1.00 32.25 ? 24   DG  B OP2   1 
ATOM   470 O  "O5'" . DG  B 1 12 ? 13.746  -12.498 1.542   1.00 43.74 ? 24   DG  B "O5'" 1 
ATOM   471 C  "C5'" . DG  B 1 12 ? 13.405  -11.502 2.531   1.00 43.84 ? 24   DG  B "C5'" 1 
ATOM   472 C  "C4'" . DG  B 1 12 ? 13.567  -12.193 3.888   1.00 30.35 ? 24   DG  B "C4'" 1 
ATOM   473 O  "O4'" . DG  B 1 12 ? 12.277  -12.737 4.228   1.00 23.41 ? 24   DG  B "O4'" 1 
ATOM   474 C  "C3'" . DG  B 1 12 ? 14.544  -13.369 3.778   1.00 18.61 ? 24   DG  B "C3'" 1 
ATOM   475 O  "O3'" . DG  B 1 12 ? 15.465  -13.310 4.870   1.00 23.03 ? 24   DG  B "O3'" 1 
ATOM   476 C  "C2'" . DG  B 1 12 ? 13.708  -14.632 3.868   1.00 19.85 ? 24   DG  B "C2'" 1 
ATOM   477 C  "C1'" . DG  B 1 12 ? 12.360  -14.145 4.327   1.00 22.08 ? 24   DG  B "C1'" 1 
ATOM   478 N  N9    . DG  B 1 12 ? 11.188  -14.715 3.690   1.00 17.31 ? 24   DG  B N9    1 
ATOM   479 C  C8    . DG  B 1 12 ? 11.028  -15.065 2.381   1.00 19.62 ? 24   DG  B C8    1 
ATOM   480 N  N7    . DG  B 1 12 ? 9.833   -15.517 2.126   1.00 20.58 ? 24   DG  B N7    1 
ATOM   481 C  C5    . DG  B 1 12 ? 9.165   -15.379 3.327   1.00 17.09 ? 24   DG  B C5    1 
ATOM   482 C  C6    . DG  B 1 12 ? 7.819   -15.631 3.665   1.00 8.57  ? 24   DG  B C6    1 
ATOM   483 O  O6    . DG  B 1 12 ? 6.909   -16.143 2.864   1.00 16.89 ? 24   DG  B O6    1 
ATOM   484 N  N1    . DG  B 1 12 ? 7.539   -15.369 5.002   1.00 13.33 ? 24   DG  B N1    1 
ATOM   485 C  C2    . DG  B 1 12 ? 8.412   -14.833 5.904   1.00 15.80 ? 24   DG  B C2    1 
ATOM   486 N  N2    . DG  B 1 12 ? 7.966   -14.599 7.160   1.00 14.79 ? 24   DG  B N2    1 
ATOM   487 N  N3    . DG  B 1 12 ? 9.623   -14.471 5.546   1.00 19.57 ? 24   DG  B N3    1 
ATOM   488 C  C4    . DG  B 1 12 ? 9.946   -14.787 4.281   1.00 12.65 ? 24   DG  B C4    1 
HETATM 489 C  C1    . HT1 C 2 .  ? -6.627  0.704   -2.918  1.00 22.14 ? 25   HT1 A C1    1 
HETATM 490 O  O1    . HT1 C 2 .  ? -7.597  1.374   -2.277  1.00 24.00 ? 25   HT1 A O1    1 
HETATM 491 C  C2    . HT1 C 2 .  ? -5.336  0.840   -2.435  1.00 19.99 ? 25   HT1 A C2    1 
HETATM 492 C  C3    . HT1 C 2 .  ? -4.329  0.104   -3.041  1.00 11.72 ? 25   HT1 A C3    1 
HETATM 493 C  C4    . HT1 C 2 .  ? -4.658  -0.827  -4.022  1.00 21.28 ? 25   HT1 A C4    1 
HETATM 494 C  C5    . HT1 C 2 .  ? -5.957  -0.993  -4.483  1.00 21.82 ? 25   HT1 A C5    1 
HETATM 495 C  C6    . HT1 C 2 .  ? -6.960  -0.243  -3.873  1.00 19.34 ? 25   HT1 A C6    1 
HETATM 496 C  C7    . HT1 C 2 .  ? -3.607  -1.526  -4.584  1.00 12.30 ? 25   HT1 A C7    1 
HETATM 497 N  N1    . HT1 C 2 .  ? -2.352  -1.744  -3.922  1.00 13.21 ? 25   HT1 A N1    1 
HETATM 498 C  C8    . HT1 C 2 .  ? -1.513  -2.432  -4.854  1.00 16.51 ? 25   HT1 A C8    1 
HETATM 499 C  C9    . HT1 C 2 .  ? -2.211  -2.675  -6.006  1.00 12.08 ? 25   HT1 A C9    1 
HETATM 500 N  N2    . HT1 C 2 .  ? -3.548  -2.189  -5.862  1.00 15.99 ? 25   HT1 A N2    1 
HETATM 501 C  C10   . HT1 C 2 .  ? -1.739  -3.431  -7.030  1.00 12.04 ? 25   HT1 A C10   1 
HETATM 502 C  C11   . HT1 C 2 .  ? -0.436  -3.913  -6.887  1.00 18.04 ? 25   HT1 A C11   1 
HETATM 503 C  C12   . HT1 C 2 .  ? 0.250   -3.697  -5.707  1.00 12.86 ? 25   HT1 A C12   1 
HETATM 504 C  C13   . HT1 C 2 .  ? -0.249  -2.925  -4.663  1.00 11.42 ? 25   HT1 A C13   1 
HETATM 505 C  C14   . HT1 C 2 .  ? 1.534   -4.185  -5.580  1.00 9.77  ? 25   HT1 A C14   1 
HETATM 506 N  N3    . HT1 C 2 .  ? 2.252   -4.357  -4.329  1.00 12.68 ? 25   HT1 A N3    1 
HETATM 507 C  C15   . HT1 C 2 .  ? 3.555   -4.778  -4.698  1.00 15.56 ? 25   HT1 A C15   1 
HETATM 508 C  C16   . HT1 C 2 .  ? 3.578   -5.012  -6.056  1.00 16.93 ? 25   HT1 A C16   1 
HETATM 509 N  N4    . HT1 C 2 .  ? 2.372   -4.580  -6.677  1.00 13.40 ? 25   HT1 A N4    1 
HETATM 510 C  C17   . HT1 C 2 .  ? 4.686   -5.524  -6.665  1.00 26.77 ? 25   HT1 A C17   1 
HETATM 511 C  C18   . HT1 C 2 .  ? 5.762   -5.868  -5.860  1.00 28.27 ? 25   HT1 A C18   1 
HETATM 512 C  C19   . HT1 C 2 .  ? 5.714   -5.769  -4.464  1.00 31.62 ? 25   HT1 A C19   1 
HETATM 513 C  C20   . HT1 C 2 .  ? 4.568   -5.208  -3.876  1.00 23.21 ? 25   HT1 A C20   1 
HETATM 514 N  N5    . HT1 C 2 .  ? 6.914   -6.079  -3.744  1.00 23.76 ? 25   HT1 A N5    1 
HETATM 515 C  C21   . HT1 C 2 .  ? 7.002   -5.605  -2.409  1.00 14.16 ? 25   HT1 A C21   1 
HETATM 516 C  C22   . HT1 C 2 .  ? 8.409   -5.764  -1.855  1.00 18.03 ? 25   HT1 A C22   1 
HETATM 517 N  N6    . HT1 C 2 .  ? 8.898   -7.098  -2.048  1.00 28.41 ? 25   HT1 A N6    1 
HETATM 518 C  C23   . HT1 C 2 .  ? 8.896   -7.454  -3.442  1.00 20.01 ? 25   HT1 A C23   1 
HETATM 519 C  C24   . HT1 C 2 .  ? 7.459   -7.375  -3.991  1.00 26.30 ? 25   HT1 A C24   1 
HETATM 520 C  C25   . HT1 C 2 .  ? 10.194  -7.234  -1.435  1.00 20.28 ? 25   HT1 A C25   1 
HETATM 521 C  C26   . HT1 C 2 .  ? -7.297  2.139   -1.103  1.00 21.25 ? 25   HT1 A C26   1 
HETATM 522 C  C27   . HT1 C 2 .  ? -8.541  2.838   -0.541  1.00 26.29 ? 25   HT1 A C27   1 
HETATM 523 MG MG    . MG  D 3 .  ? -0.587  -13.752 3.634   1.00 16.39 ? 26   MG  A MG    1 
HETATM 524 O  O     . HOH E 4 .  ? 4.673   2.968   -6.642  1.00 26.16 ? 1001 HOH A O     1 
HETATM 525 O  O     . HOH E 4 .  ? 1.890   -20.909 7.016   1.00 34.55 ? 1003 HOH A O     1 
HETATM 526 O  O     . HOH E 4 .  ? 1.816   -16.259 1.478   1.00 27.17 ? 1005 HOH A O     1 
HETATM 527 O  O     . HOH E 4 .  ? -1.304  -13.779 7.973   1.00 19.80 ? 1006 HOH A O     1 
HETATM 528 O  O     . HOH E 4 .  ? -0.040  -12.422 10.053  1.00 28.57 ? 1007 HOH A O     1 
HETATM 529 O  O     . HOH E 4 .  ? -0.539  8.505   -5.401  1.00 33.79 ? 1010 HOH A O     1 
HETATM 530 O  O     . HOH E 4 .  ? -1.561  5.479   -8.066  1.00 23.71 ? 1011 HOH A O     1 
HETATM 531 O  O     . HOH E 4 .  ? 2.952   6.867   -2.715  1.00 25.22 ? 1014 HOH A O     1 
HETATM 532 O  O     . HOH E 4 .  ? -0.766  -9.926  6.354   1.00 26.57 ? 1015 HOH A O     1 
HETATM 533 O  O     . HOH E 4 .  ? 4.104   1.967   3.422   1.00 33.01 ? 1016 HOH A O     1 
HETATM 534 O  O     . HOH E 4 .  ? -8.608  8.534   2.917   1.00 53.63 ? 1017 HOH A O     1 
HETATM 535 O  O     . HOH E 4 .  ? 4.727   -0.694  4.830   1.00 38.43 ? 1018 HOH A O     1 
HETATM 536 O  O     . HOH E 4 .  ? -7.167  -3.908  -7.146  1.00 52.22 ? 1021 HOH A O     1 
HETATM 537 O  O     . HOH E 4 .  ? 0.394   4.066   -8.783  1.00 31.47 ? 1022 HOH A O     1 
HETATM 538 O  O     . HOH E 4 .  ? 1.803   -1.611  6.012   1.00 45.45 ? 1026 HOH A O     1 
HETATM 539 O  O     . HOH E 4 .  ? -10.948 7.256   -6.268  1.00 48.33 ? 1028 HOH A O     1 
HETATM 540 O  O     . HOH E 4 .  ? -7.193  8.797   -7.866  1.00 45.27 ? 1030 HOH A O     1 
HETATM 541 O  O     . HOH E 4 .  ? -13.350 15.653  8.106   1.00 42.64 ? 1031 HOH A O     1 
HETATM 542 O  O     . HOH E 4 .  ? -10.414 -2.053  -2.646  1.00 49.03 ? 1033 HOH A O     1 
HETATM 543 O  O     . HOH E 4 .  ? -5.540  -2.399  -8.048  1.00 47.19 ? 1035 HOH A O     1 
HETATM 544 O  O     . HOH E 4 .  ? 14.168  -2.497  -1.269  1.00 36.53 ? 1038 HOH A O     1 
HETATM 545 O  O     . HOH E 4 .  ? -0.284  -17.640 2.051   1.00 38.59 ? 1040 HOH A O     1 
HETATM 546 O  O     . HOH E 4 .  ? -12.951 15.764  0.383   1.00 33.33 ? 1042 HOH A O     1 
HETATM 547 O  O     . HOH E 4 .  ? -8.358  -1.564  -7.680  1.00 54.81 ? 1043 HOH A O     1 
HETATM 548 O  O     . HOH E 4 .  ? -11.708 14.029  -6.698  1.00 52.32 ? 1044 HOH A O     1 
HETATM 549 O  O     . HOH E 4 .  ? -12.319 1.470   -0.103  1.00 51.75 ? 1046 HOH A O     1 
HETATM 550 O  O     . HOH E 4 .  ? 1.402   8.261   -8.069  1.00 50.29 ? 1048 HOH A O     1 
HETATM 551 O  O     . HOH E 4 .  ? -6.787  8.135   1.019   1.00 35.45 ? 1050 HOH A O     1 
HETATM 552 O  O     . HOH E 4 .  ? 11.267  -4.702  -4.115  1.00 31.12 ? 1051 HOH A O     1 
HETATM 553 O  O     . HOH E 4 .  ? 6.515   -21.908 4.662   1.00 50.98 ? 1052 HOH A O     1 
HETATM 554 O  O     . HOH E 4 .  ? -13.191 7.323   1.924   1.00 34.90 ? 1053 HOH A O     1 
HETATM 555 O  O     . HOH E 4 .  ? -12.119 16.038  -3.713  1.00 43.24 ? 1054 HOH A O     1 
HETATM 556 O  O     . HOH E 4 .  ? -12.194 9.747   -5.809  1.00 48.15 ? 1056 HOH A O     1 
HETATM 557 O  O     . HOH E 4 .  ? -0.046  -2.823  -10.691 1.00 38.23 ? 1057 HOH A O     1 
HETATM 558 O  O     . HOH E 4 .  ? -3.822  -11.891 7.092   1.00 47.48 ? 1059 HOH A O     1 
HETATM 559 O  O     . HOH E 4 .  ? 12.496  0.756   -1.041  1.00 30.02 ? 1063 HOH A O     1 
HETATM 560 O  O     . HOH E 4 .  ? 0.139   -9.724  9.810   1.00 37.82 ? 1064 HOH A O     1 
HETATM 561 O  O     . HOH E 4 .  ? 4.619   -2.534  -10.854 1.00 34.93 ? 1065 HOH A O     1 
HETATM 562 O  O     . HOH E 4 .  ? 3.118   -22.745 5.273   1.00 35.02 ? 1068 HOH A O     1 
HETATM 563 O  O     . HOH E 4 .  ? 6.407   4.969   -5.460  1.00 25.87 ? 1069 HOH A O     1 
HETATM 564 O  O     . HOH E 4 .  ? -10.459 0.415   -1.839  1.00 42.62 ? 1072 HOH A O     1 
HETATM 565 O  O     . HOH E 4 .  ? 6.079   1.903   1.356   1.00 28.83 ? 1076 HOH A O     1 
HETATM 566 O  O     . HOH E 4 .  ? 8.353   1.584   -2.501  1.00 24.81 ? 1077 HOH A O     1 
HETATM 567 O  O     . HOH E 4 .  ? -11.272 3.235   2.572   1.00 42.95 ? 1078 HOH A O     1 
HETATM 568 O  O     . HOH E 4 .  ? -3.515  5.810   -9.591  1.00 35.49 ? 1079 HOH A O     1 
HETATM 569 O  O     . HOH E 4 .  ? 3.966   4.520   0.484   1.00 27.23 ? 1084 HOH A O     1 
HETATM 570 O  O     . HOH E 4 .  ? 4.098   -19.440 4.955   1.00 23.04 ? 1091 HOH A O     1 
HETATM 571 O  O     . HOH E 4 .  ? 1.906   -4.340  -9.145  1.00 32.54 ? 1093 HOH A O     1 
HETATM 572 O  O     . HOH E 4 .  ? -10.408 12.256  -5.379  1.00 42.17 ? 1102 HOH A O     1 
HETATM 573 O  O     . HOH E 4 .  ? 2.393   -17.693 14.588  1.00 47.45 ? 1107 HOH A O     1 
HETATM 574 O  O     . HOH E 4 .  ? 13.587  -0.878  0.481   1.00 40.61 ? 1110 HOH A O     1 
HETATM 575 O  O     . HOH E 4 .  ? 3.350   -3.812  9.264   1.00 47.70 ? 1112 HOH A O     1 
HETATM 576 O  O     . HOH E 4 .  ? 2.351   -7.409  10.465  1.00 61.64 ? 1113 HOH A O     1 
HETATM 577 O  O     . HOH E 4 .  ? 0.641   -20.312 14.661  1.00 47.35 ? 1114 HOH A O     1 
HETATM 578 O  O     . HOH E 4 .  ? -16.380 11.367  3.814   1.00 53.18 ? 1115 HOH A O     1 
HETATM 579 O  O     . HOH E 4 .  ? -0.862  -18.576 14.597  1.00 51.27 ? 1116 HOH A O     1 
HETATM 580 O  O     . HOH E 4 .  ? -3.939  -2.643  -10.527 1.00 45.91 ? 1118 HOH A O     1 
HETATM 581 O  O     . HOH E 4 .  ? 16.380  -1.213  1.468   1.00 53.11 ? 1119 HOH A O     1 
HETATM 582 O  O     . HOH E 4 .  ? 2.286   -5.339  5.779   1.00 48.70 ? 1122 HOH A O     1 
HETATM 583 O  O     . HOH E 4 .  ? -3.874  11.760  -6.830  1.00 65.53 ? 1125 HOH A O     1 
HETATM 584 O  O     . HOH E 4 .  ? -10.808 -0.340  -5.254  1.00 56.69 ? 1131 HOH A O     1 
HETATM 585 O  O     . HOH E 4 .  ? 1.343   -13.968 2.972   1.00 15.86 ? 1139 HOH A O     1 
HETATM 586 O  O     . HOH E 4 .  ? -0.640  -15.672 4.314   1.00 17.30 ? 1140 HOH A O     1 
HETATM 587 O  O     . HOH E 4 .  ? 0.086   -13.159 5.492   1.00 18.38 ? 1141 HOH A O     1 
HETATM 588 O  O     . HOH F 4 .  ? -0.069  -13.236 -0.383  1.00 18.96 ? 1002 HOH B O     1 
HETATM 589 O  O     . HOH F 4 .  ? -3.950  -8.897  2.035   1.00 20.37 ? 1004 HOH B O     1 
HETATM 590 O  O     . HOH F 4 .  ? -5.679  -3.656  3.769   1.00 24.65 ? 1008 HOH B O     1 
HETATM 591 O  O     . HOH F 4 .  ? -4.533  -7.900  0.048   1.00 19.72 ? 1009 HOH B O     1 
HETATM 592 O  O     . HOH F 4 .  ? 11.622  -8.970  -6.454  1.00 47.63 ? 1012 HOH B O     1 
HETATM 593 O  O     . HOH F 4 .  ? 3.722   -15.732 -0.876  1.00 28.39 ? 1013 HOH B O     1 
HETATM 594 O  O     . HOH F 4 .  ? -1.390  -10.856 -3.282  1.00 23.92 ? 1019 HOH B O     1 
HETATM 595 O  O     . HOH F 4 .  ? -5.754  -8.113  4.011   1.00 25.03 ? 1020 HOH B O     1 
HETATM 596 O  O     . HOH F 4 .  ? -4.645  -9.661  -2.109  1.00 33.97 ? 1023 HOH B O     1 
HETATM 597 O  O     . HOH F 4 .  ? -6.985  -6.000  2.567   1.00 34.22 ? 1024 HOH B O     1 
HETATM 598 O  O     . HOH F 4 .  ? -3.731  -4.561  6.263   1.00 44.46 ? 1025 HOH B O     1 
HETATM 599 O  O     . HOH F 4 .  ? -2.747  -11.944 -1.164  1.00 24.91 ? 1027 HOH B O     1 
HETATM 600 O  O     . HOH F 4 .  ? 5.576   18.566  -2.836  1.00 50.00 ? 1029 HOH B O     1 
HETATM 601 O  O     . HOH F 4 .  ? 3.513   20.075  0.566   1.00 27.08 ? 1032 HOH B O     1 
HETATM 602 O  O     . HOH F 4 .  ? 2.577   6.687   1.639   1.00 26.37 ? 1034 HOH B O     1 
HETATM 603 O  O     . HOH F 4 .  ? -3.455  -6.176  -8.981  1.00 50.67 ? 1036 HOH B O     1 
HETATM 604 O  O     . HOH F 4 .  ? 1.720   5.948   3.750   1.00 39.70 ? 1037 HOH B O     1 
HETATM 605 O  O     . HOH F 4 .  ? 1.680   3.443   4.499   1.00 33.30 ? 1039 HOH B O     1 
HETATM 606 O  O     . HOH F 4 .  ? 12.506  -8.793  -3.800  1.00 37.11 ? 1041 HOH B O     1 
HETATM 607 O  O     . HOH F 4 .  ? -0.640  -11.643 -7.985  1.00 42.05 ? 1045 HOH B O     1 
HETATM 608 O  O     . HOH F 4 .  ? -10.537 -5.316  0.859   1.00 55.14 ? 1047 HOH B O     1 
HETATM 609 O  O     . HOH F 4 .  ? -9.288  -3.993  -4.473  1.00 35.18 ? 1049 HOH B O     1 
HETATM 610 O  O     . HOH F 4 .  ? 17.962  -12.188 0.501   1.00 38.81 ? 1055 HOH B O     1 
HETATM 611 O  O     . HOH F 4 .  ? 4.921   16.936  -6.351  1.00 36.42 ? 1058 HOH B O     1 
HETATM 612 O  O     . HOH F 4 .  ? -8.531  -8.802  0.111   1.00 48.59 ? 1060 HOH B O     1 
HETATM 613 O  O     . HOH F 4 .  ? 3.862   12.426  -1.232  1.00 47.05 ? 1061 HOH B O     1 
HETATM 614 O  O     . HOH F 4 .  ? 9.755   -16.689 -0.223  1.00 35.36 ? 1062 HOH B O     1 
HETATM 615 O  O     . HOH F 4 .  ? -1.072  -8.810  3.488   1.00 53.36 ? 1067 HOH B O     1 
HETATM 616 O  O     . HOH F 4 .  ? -9.398  -5.466  3.961   1.00 55.32 ? 1070 HOH B O     1 
HETATM 617 O  O     . HOH F 4 .  ? -1.391  -9.438  -9.742  1.00 66.76 ? 1073 HOH B O     1 
HETATM 618 O  O     . HOH F 4 .  ? -0.956  -15.239 -5.056  1.00 37.33 ? 1074 HOH B O     1 
HETATM 619 O  O     . HOH F 4 .  ? -3.917  23.494  -7.422  1.00 39.62 ? 1075 HOH B O     1 
HETATM 620 O  O     . HOH F 4 .  ? -0.110  22.054  -9.509  1.00 51.00 ? 1080 HOH B O     1 
HETATM 621 O  O     . HOH F 4 .  ? 3.653   14.713  -4.443  1.00 47.49 ? 1082 HOH B O     1 
HETATM 622 O  O     . HOH F 4 .  ? 0.591   11.961  -5.617  1.00 39.63 ? 1086 HOH B O     1 
HETATM 623 O  O     . HOH F 4 .  ? 8.851   -9.508  -6.113  1.00 68.67 ? 1087 HOH B O     1 
HETATM 624 O  O     . HOH F 4 .  ? 1.395   14.806  -5.804  1.00 42.46 ? 1089 HOH B O     1 
HETATM 625 O  O     . HOH F 4 .  ? 0.877   -12.677 -4.370  1.00 43.38 ? 1090 HOH B O     1 
HETATM 626 O  O     . HOH F 4 .  ? 1.917   6.890   7.045   1.00 41.70 ? 1092 HOH B O     1 
HETATM 627 O  O     . HOH F 4 .  ? -5.431  20.699  -7.531  1.00 36.76 ? 1094 HOH B O     1 
HETATM 628 O  O     . HOH F 4 .  ? 3.784   10.118  6.594   1.00 58.81 ? 1096 HOH B O     1 
HETATM 629 O  O     . HOH F 4 .  ? -2.986  13.965  -7.258  1.00 44.23 ? 1097 HOH B O     1 
HETATM 630 O  O     . HOH F 4 .  ? 12.613  -11.530 -7.128  1.00 45.99 ? 1098 HOH B O     1 
HETATM 631 O  O     . HOH F 4 .  ? -0.775  14.837  -9.201  1.00 44.74 ? 1099 HOH B O     1 
HETATM 632 O  O     . HOH F 4 .  ? -0.238  -6.870  -10.061 1.00 42.41 ? 1100 HOH B O     1 
HETATM 633 O  O     . HOH F 4 .  ? 7.604   -9.391  -0.969  1.00 20.16 ? 1101 HOH B O     1 
HETATM 634 O  O     . HOH F 4 .  ? -0.749  -4.914  4.977   1.00 34.29 ? 1103 HOH B O     1 
HETATM 635 O  O     . HOH F 4 .  ? -0.114  2.589   5.872   1.00 31.42 ? 1105 HOH B O     1 
HETATM 636 O  O     . HOH F 4 .  ? -8.910  14.776  -7.901  1.00 44.12 ? 1106 HOH B O     1 
HETATM 637 O  O     . HOH F 4 .  ? 13.036  -14.424 -5.198  1.00 56.33 ? 1108 HOH B O     1 
HETATM 638 O  O     . HOH F 4 .  ? 17.704  -13.076 -2.657  1.00 55.40 ? 1109 HOH B O     1 
HETATM 639 O  O     . HOH F 4 .  ? 4.899   12.488  2.056   1.00 44.88 ? 1111 HOH B O     1 
HETATM 640 O  O     . HOH F 4 .  ? 6.221   -17.769 -0.435  1.00 55.20 ? 1117 HOH B O     1 
HETATM 641 O  O     . HOH F 4 .  ? -6.582  13.711  -6.963  1.00 63.58 ? 1120 HOH B O     1 
HETATM 642 O  O     . HOH F 4 .  ? -4.320  -10.442 -10.748 1.00 43.36 ? 1124 HOH B O     1 
HETATM 643 O  O     . HOH F 4 .  ? -12.446 -0.872  3.615   1.00 49.61 ? 1126 HOH B O     1 
HETATM 644 O  O     . HOH F 4 .  ? -7.015  -7.315  -6.342  1.00 51.23 ? 1130 HOH B O     1 
HETATM 645 O  O     . HOH F 4 .  ? -5.282  -9.304  -8.350  1.00 46.18 ? 1132 HOH B O     1 
HETATM 646 O  O     . HOH F 4 .  ? -2.856  -2.688  7.266   1.00 58.13 ? 1134 HOH B O     1 
HETATM 647 O  O     . HOH F 4 .  ? 4.904   19.800  -4.826  1.00 39.04 ? 1136 HOH B O     1 
HETATM 648 O  O     . HOH F 4 .  ? -4.221  8.809   2.754   1.00 35.34 ? 1137 HOH B O     1 
HETATM 649 O  O     . HOH F 4 .  ? -2.530  -13.422 4.230   1.00 15.49 ? 1138 HOH B O     1 
HETATM 650 O  O     . HOH F 4 .  ? -0.498  -11.787 2.938   1.00 16.37 ? 1142 HOH B O     1 
HETATM 651 O  O     . HOH F 4 .  ? -1.266  -14.363 1.805   1.00 15.46 ? 1143 HOH B O     1 
# 
